data_1LO3
#
_entry.id   1LO3
#
_cell.length_a   40.384
_cell.length_b   139.768
_cell.length_c   84.860
_cell.angle_alpha   90.00
_cell.angle_beta   90.00
_cell.angle_gamma   90.00
#
_symmetry.space_group_name_H-M   'P 1 21 1'
#
loop_
_entity.id
_entity.type
_entity.pdbx_description
1 polymer 'If kappa light chain'
2 polymer 'Ig gamma 2a heavy chain'
3 non-polymer '3-(10-METHYL-ANTHRACEN-9-YL)-PROPIONIC ACID'
4 water water
#
loop_
_entity_poly.entity_id
_entity_poly.type
_entity_poly.pdbx_seq_one_letter_code
_entity_poly.pdbx_strand_id
1 'polypeptide(L)'
;DVLMTQTPLSLPVSLGDQVSIFCTSSQTIVHTNGNTYLEWYLQKPGQSPKLLIYKVSNRFSGVPDRFSGSGSGTDFTLKI
SRVETEDLGIYYCFQGSHFPLAFGAGTKLELKRADAAPTVSIFPPSSEQLTSGGASVVCFLNNFYPKDINVKWKIDGSER
QNGVLNSWTDQDSKDSTYSMSSTLTLTKDEYERHNSYTCEATHKTSTSPIVKSFNRNEC
;
X,L
2 'polypeptide(L)'
;EVKLVESGGGLVKPGGSLKLSCAASGFSFRNYGMSWVRQTPEKRLEWVASISYGGLIYYPDSIKGRFTISRDIAQNILYL
QMSSLRSEDTAMYHCIRGDSFLVWFTFWGQGTLVTVSAAKTTAPSVYPLAPVCGDTTGSSVTLGCLVKGYFPEPVTLTWN
SGSLSSGVHTFPAVLQSDLYTLSSSVTVTSSTWPSQSITCNVAHPASSTQVDKKIEPRGP
;
Y,H
#
loop_
_chem_comp.id
_chem_comp.type
_chem_comp.name
_chem_comp.formula
AN1 non-polymer '3-(10-METHYL-ANTHRACEN-9-YL)-PROPIONIC ACID' 'C18 H16 O2'
#
# COMPACT_ATOMS: atom_id res chain seq x y z
N ASP A 1 -4.65 24.93 1.53
CA ASP A 1 -5.56 23.90 2.09
C ASP A 1 -6.84 24.59 2.48
N VAL A 2 -7.98 23.97 2.16
CA VAL A 2 -9.24 24.57 2.52
C VAL A 2 -9.85 23.82 3.69
N LEU A 3 -10.11 24.54 4.78
CA LEU A 3 -10.68 23.90 5.96
C LEU A 3 -12.18 24.16 6.00
N MET A 4 -12.97 23.10 6.17
CA MET A 4 -14.43 23.21 6.23
C MET A 4 -14.88 23.25 7.67
N THR A 5 -15.65 24.29 8.01
CA THR A 5 -16.12 24.47 9.37
C THR A 5 -17.62 24.26 9.53
N GLN A 6 -18.00 23.36 10.45
CA GLN A 6 -19.40 23.07 10.69
C GLN A 6 -19.86 23.51 12.08
N THR A 7 -21.05 24.11 12.11
CA THR A 7 -21.70 24.62 13.33
C THR A 7 -23.23 24.56 13.27
N PRO A 8 -23.87 24.18 14.38
CA PRO A 8 -23.17 23.83 15.62
C PRO A 8 -22.71 22.38 15.54
N LEU A 9 -21.91 21.93 16.49
CA LEU A 9 -21.47 20.54 16.47
C LEU A 9 -22.65 19.67 16.90
N SER A 10 -23.68 20.31 17.43
CA SER A 10 -24.89 19.65 17.91
C SER A 10 -26.07 20.58 17.77
N LEU A 11 -27.05 20.15 16.99
CA LEU A 11 -28.26 20.92 16.78
C LEU A 11 -29.47 20.20 17.32
N PRO A 12 -30.01 20.67 18.46
CA PRO A 12 -31.19 20.07 19.09
C PRO A 12 -32.43 20.55 18.34
N VAL A 13 -33.25 19.62 17.89
CA VAL A 13 -34.45 19.97 17.13
C VAL A 13 -35.67 19.18 17.60
N SER A 14 -36.84 19.67 17.21
CA SER A 14 -38.09 19.00 17.50
C SER A 14 -38.52 18.49 16.14
N LEU A 15 -39.18 17.34 16.11
CA LEU A 15 -39.63 16.78 14.85
C LEU A 15 -40.63 17.75 14.20
N GLY A 16 -40.58 17.88 12.88
CA GLY A 16 -41.47 18.78 12.18
C GLY A 16 -40.83 20.14 11.97
N ASP A 17 -39.63 20.31 12.50
CA ASP A 17 -38.89 21.57 12.39
C ASP A 17 -38.14 21.74 11.07
N GLN A 18 -38.13 22.97 10.55
CA GLN A 18 -37.40 23.29 9.33
C GLN A 18 -36.04 23.70 9.85
N VAL A 19 -35.00 22.96 9.46
CA VAL A 19 -33.66 23.26 9.94
C VAL A 19 -32.66 23.59 8.84
N SER A 20 -31.65 24.40 9.21
CA SER A 20 -30.58 24.81 8.30
C SER A 20 -29.26 24.57 9.02
N ILE A 21 -28.42 23.75 8.41
CA ILE A 21 -27.11 23.38 8.93
C ILE A 21 -26.06 24.12 8.10
N PHE A 22 -25.16 24.84 8.76
CA PHE A 22 -24.16 25.59 8.03
C PHE A 22 -22.76 25.03 7.97
N CYS A 23 -22.08 25.35 6.88
CA CYS A 23 -20.73 24.89 6.62
C CYS A 23 -19.95 25.99 5.91
N THR A 24 -18.77 26.33 6.43
CA THR A 24 -17.95 27.37 5.80
C THR A 24 -16.54 26.93 5.39
N SER A 25 -16.08 27.45 4.25
CA SER A 25 -14.74 27.15 3.77
C SER A 25 -13.82 28.30 4.18
N SER A 26 -12.57 27.95 4.45
CA SER A 26 -11.55 28.92 4.87
C SER A 26 -11.23 29.89 3.72
N GLN A 27 -11.69 29.53 2.53
CA GLN A 27 -11.46 30.32 1.33
C GLN A 27 -12.40 29.76 0.25
N THR A 28 -12.48 30.41 -0.90
CA THR A 28 -13.37 29.92 -1.96
C THR A 28 -13.04 28.52 -2.45
N ILE A 29 -14.10 27.79 -2.78
CA ILE A 29 -14.01 26.41 -3.26
C ILE A 29 -14.60 26.20 -4.66
N VAL A 30 -14.05 26.90 -5.64
CA VAL A 30 -14.51 26.76 -7.02
C VAL A 30 -13.43 26.00 -7.80
N HIS A 31 -13.82 24.91 -8.44
CA HIS A 31 -12.87 24.13 -9.22
C HIS A 31 -12.47 24.96 -10.44
N THR A 32 -11.35 24.58 -11.07
CA THR A 32 -10.88 25.31 -12.23
C THR A 32 -11.81 25.14 -13.42
N ASN A 33 -12.76 24.23 -13.29
CA ASN A 33 -13.73 23.99 -14.35
C ASN A 33 -15.06 24.66 -14.07
N GLY A 34 -15.05 25.65 -13.19
CA GLY A 34 -16.26 26.39 -12.86
C GLY A 34 -17.16 25.78 -11.80
N ASN A 35 -17.07 24.48 -11.56
CA ASN A 35 -17.93 23.83 -10.58
C ASN A 35 -17.47 23.89 -9.14
N THR A 36 -18.43 23.90 -8.24
CA THR A 36 -18.19 23.94 -6.80
C THR A 36 -18.58 22.57 -6.28
N TYR A 37 -17.57 21.77 -5.92
CA TYR A 37 -17.83 20.43 -5.44
C TYR A 37 -18.09 20.34 -3.96
N LEU A 38 -19.18 20.94 -3.50
CA LEU A 38 -19.50 20.86 -2.09
C LEU A 38 -20.59 19.81 -1.95
N GLU A 39 -20.30 18.78 -1.15
CA GLU A 39 -21.24 17.68 -0.91
C GLU A 39 -21.69 17.56 0.55
N TRP A 40 -22.88 17.01 0.76
CA TRP A 40 -23.39 16.82 2.11
C TRP A 40 -23.71 15.34 2.32
N TYR A 41 -23.28 14.81 3.46
CA TYR A 41 -23.50 13.41 3.78
C TYR A 41 -24.21 13.24 5.13
N LEU A 42 -25.04 12.21 5.21
CA LEU A 42 -25.74 11.90 6.45
C LEU A 42 -25.29 10.52 6.93
N GLN A 43 -24.65 10.48 8.09
CA GLN A 43 -24.24 9.20 8.63
C GLN A 43 -25.23 8.83 9.73
N LYS A 44 -26.03 7.82 9.41
CA LYS A 44 -27.07 7.31 10.28
C LYS A 44 -26.42 6.34 11.26
N PRO A 45 -26.72 6.49 12.56
CA PRO A 45 -26.13 5.59 13.55
C PRO A 45 -26.05 4.14 13.08
N GLY A 46 -24.87 3.55 13.21
CA GLY A 46 -24.69 2.18 12.79
C GLY A 46 -24.34 1.98 11.33
N GLN A 47 -24.72 2.91 10.47
CA GLN A 47 -24.45 2.80 9.03
C GLN A 47 -23.31 3.69 8.55
N SER A 48 -23.03 3.63 7.25
CA SER A 48 -21.98 4.44 6.68
C SER A 48 -22.56 5.73 6.11
N PRO A 49 -21.70 6.73 5.86
CA PRO A 49 -22.20 8.01 5.31
C PRO A 49 -22.87 7.80 3.97
N LYS A 50 -23.91 8.58 3.70
CA LYS A 50 -24.63 8.47 2.44
C LYS A 50 -24.82 9.86 1.83
N LEU A 51 -24.64 9.92 0.52
CA LEU A 51 -24.75 11.16 -0.23
C LEU A 51 -26.15 11.75 -0.18
N LEU A 52 -26.23 13.06 0.08
CA LEU A 52 -27.51 13.75 0.12
C LEU A 52 -27.51 14.80 -1.00
N ILE A 53 -26.57 15.73 -0.93
CA ILE A 53 -26.46 16.80 -1.92
C ILE A 53 -25.06 16.83 -2.55
N TYR A 54 -24.99 17.02 -3.87
CA TYR A 54 -23.69 17.13 -4.55
C TYR A 54 -23.67 18.46 -5.34
N LYS A 55 -22.47 19.02 -5.51
CA LYS A 55 -22.30 20.30 -6.19
C LYS A 55 -23.22 21.41 -5.64
N VAL A 56 -23.13 21.60 -4.31
CA VAL A 56 -23.88 22.62 -3.60
C VAL A 56 -25.39 22.41 -3.52
N SER A 57 -26.07 22.43 -4.65
CA SER A 57 -27.53 22.31 -4.64
C SER A 57 -28.21 21.14 -5.34
N ASN A 58 -27.48 20.13 -5.79
CA ASN A 58 -28.13 19.00 -6.47
C ASN A 58 -28.53 17.84 -5.54
N ARG A 59 -29.83 17.59 -5.40
CA ARG A 59 -30.29 16.50 -4.55
C ARG A 59 -29.99 15.21 -5.28
N PHE A 60 -29.32 14.29 -4.60
CA PHE A 60 -28.98 13.02 -5.22
C PHE A 60 -30.25 12.17 -5.35
N SER A 61 -30.27 11.31 -6.37
CA SER A 61 -31.42 10.46 -6.61
C SER A 61 -31.72 9.56 -5.41
N GLY A 62 -33.00 9.45 -5.06
CA GLY A 62 -33.40 8.60 -3.94
C GLY A 62 -33.45 9.36 -2.62
N VAL A 63 -32.95 10.59 -2.63
CA VAL A 63 -32.94 11.41 -1.42
C VAL A 63 -34.24 12.20 -1.33
N PRO A 64 -34.91 12.12 -0.16
CA PRO A 64 -36.18 12.81 0.12
C PRO A 64 -36.22 14.25 -0.35
N ASP A 65 -37.41 14.72 -0.72
CA ASP A 65 -37.59 16.09 -1.20
C ASP A 65 -37.47 17.18 -0.15
N ARG A 66 -37.36 16.79 1.12
CA ARG A 66 -37.24 17.77 2.19
C ARG A 66 -35.80 18.26 2.38
N PHE A 67 -34.87 17.59 1.71
CA PHE A 67 -33.45 17.96 1.77
C PHE A 67 -33.07 18.81 0.57
N SER A 68 -32.37 19.89 0.82
CA SER A 68 -31.92 20.79 -0.23
C SER A 68 -30.57 21.37 0.15
N GLY A 69 -29.90 21.98 -0.82
CA GLY A 69 -28.60 22.55 -0.56
C GLY A 69 -28.47 23.87 -1.28
N SER A 70 -27.70 24.79 -0.71
CA SER A 70 -27.48 26.09 -1.30
C SER A 70 -26.20 26.65 -0.69
N GLY A 71 -25.77 27.81 -1.18
CA GLY A 71 -24.57 28.44 -0.69
C GLY A 71 -23.80 29.12 -1.80
N SER A 72 -22.81 29.90 -1.41
CA SER A 72 -21.99 30.61 -2.37
C SER A 72 -20.75 31.15 -1.67
N GLY A 73 -19.69 31.37 -2.43
CA GLY A 73 -18.47 31.89 -1.84
C GLY A 73 -17.80 31.01 -0.80
N THR A 74 -18.24 31.12 0.44
CA THR A 74 -17.65 30.34 1.53
C THR A 74 -18.71 29.81 2.49
N ASP A 75 -19.96 30.21 2.27
CA ASP A 75 -21.08 29.79 3.11
C ASP A 75 -22.00 28.84 2.36
N PHE A 76 -22.20 27.66 2.92
CA PHE A 76 -23.06 26.67 2.30
C PHE A 76 -24.10 26.20 3.30
N THR A 77 -25.26 25.82 2.81
CA THR A 77 -26.31 25.44 3.73
C THR A 77 -27.14 24.24 3.35
N LEU A 78 -27.37 23.39 4.35
CA LEU A 78 -28.18 22.21 4.17
C LEU A 78 -29.50 22.47 4.87
N LYS A 79 -30.59 22.21 4.14
CA LYS A 79 -31.94 22.42 4.65
C LYS A 79 -32.76 21.12 4.66
N ILE A 80 -33.59 20.99 5.69
CA ILE A 80 -34.48 19.85 5.86
C ILE A 80 -35.78 20.56 6.23
N SER A 81 -36.66 20.77 5.24
CA SER A 81 -37.92 21.50 5.44
C SER A 81 -38.83 21.02 6.59
N ARG A 82 -38.79 19.73 6.89
CA ARG A 82 -39.61 19.18 7.97
C ARG A 82 -38.87 17.92 8.44
N VAL A 83 -38.34 17.97 9.65
CA VAL A 83 -37.57 16.84 10.18
C VAL A 83 -38.40 15.67 10.66
N GLU A 84 -37.88 14.48 10.37
CA GLU A 84 -38.47 13.20 10.74
C GLU A 84 -37.54 12.54 11.73
N THR A 85 -37.93 11.37 12.21
CA THR A 85 -37.10 10.66 13.15
C THR A 85 -35.95 9.96 12.40
N GLU A 86 -36.09 9.81 11.09
CA GLU A 86 -35.04 9.16 10.31
C GLU A 86 -33.89 10.10 9.95
N ASP A 87 -34.13 11.40 10.05
CA ASP A 87 -33.13 12.40 9.71
C ASP A 87 -32.12 12.66 10.82
N LEU A 88 -32.32 12.03 11.97
CA LEU A 88 -31.40 12.22 13.10
C LEU A 88 -30.10 11.44 12.90
N GLY A 89 -29.01 12.16 13.04
CA GLY A 89 -27.70 11.57 12.87
C GLY A 89 -26.76 12.72 12.60
N ILE A 90 -25.56 12.41 12.16
CA ILE A 90 -24.56 13.44 11.90
C ILE A 90 -24.44 13.81 10.42
N TYR A 91 -24.41 15.11 10.16
CA TYR A 91 -24.29 15.64 8.81
C TYR A 91 -22.90 16.21 8.56
N TYR A 92 -22.29 15.76 7.48
CA TYR A 92 -20.95 16.20 7.11
C TYR A 92 -20.98 16.94 5.79
N CYS A 93 -20.19 18.01 5.70
CA CYS A 93 -20.09 18.73 4.43
C CYS A 93 -18.69 18.40 3.98
N PHE A 94 -18.41 18.63 2.71
CA PHE A 94 -17.11 18.30 2.17
C PHE A 94 -16.87 19.04 0.88
N GLN A 95 -15.65 19.51 0.70
CA GLN A 95 -15.31 20.21 -0.52
C GLN A 95 -14.26 19.40 -1.28
N GLY A 96 -14.50 19.20 -2.57
CA GLY A 96 -13.57 18.46 -3.40
C GLY A 96 -13.14 19.32 -4.56
N SER A 97 -13.24 20.63 -4.40
CA SER A 97 -12.86 21.54 -5.45
C SER A 97 -11.35 21.72 -5.48
N HIS A 98 -10.71 21.64 -4.31
CA HIS A 98 -9.27 21.81 -4.18
C HIS A 98 -8.64 20.70 -3.38
N PHE A 99 -7.37 20.40 -3.65
CA PHE A 99 -6.66 19.38 -2.88
C PHE A 99 -5.84 20.04 -1.77
N PRO A 100 -5.79 19.42 -0.59
CA PRO A 100 -6.47 18.18 -0.25
C PRO A 100 -7.97 18.36 -0.03
N LEU A 101 -8.73 17.32 -0.40
CA LEU A 101 -10.17 17.29 -0.24
C LEU A 101 -10.45 17.40 1.25
N ALA A 102 -11.43 18.24 1.63
CA ALA A 102 -11.69 18.45 3.03
C ALA A 102 -13.09 18.16 3.53
N PHE A 103 -13.14 17.50 4.69
CA PHE A 103 -14.40 17.16 5.36
C PHE A 103 -14.65 18.15 6.50
N GLY A 104 -15.92 18.40 6.80
CA GLY A 104 -16.25 19.29 7.90
C GLY A 104 -16.33 18.41 9.11
N ALA A 105 -16.30 18.99 10.31
CA ALA A 105 -16.35 18.20 11.55
C ALA A 105 -17.65 17.41 11.73
N GLY A 106 -18.72 17.90 11.13
CA GLY A 106 -19.99 17.24 11.24
C GLY A 106 -20.88 17.98 12.24
N THR A 107 -22.19 17.84 12.04
CA THR A 107 -23.19 18.45 12.91
C THR A 107 -24.13 17.30 13.28
N LYS A 108 -24.32 17.08 14.56
CA LYS A 108 -25.19 16.00 14.98
C LYS A 108 -26.60 16.52 15.18
N LEU A 109 -27.55 15.95 14.45
CA LEU A 109 -28.94 16.34 14.59
C LEU A 109 -29.48 15.52 15.74
N GLU A 110 -29.95 16.20 16.77
CA GLU A 110 -30.47 15.51 17.92
C GLU A 110 -31.84 16.05 18.32
N LEU A 111 -32.49 15.36 19.25
CA LEU A 111 -33.80 15.75 19.71
C LEU A 111 -33.83 16.63 20.95
N LYS A 112 -34.71 17.61 20.89
CA LYS A 112 -34.91 18.57 21.96
C LYS A 112 -35.94 17.97 22.92
N ARG A 113 -35.80 18.25 24.21
CA ARG A 113 -36.73 17.77 25.24
C ARG A 113 -36.66 18.71 26.44
N ALA A 114 -37.43 18.41 27.48
CA ALA A 114 -37.44 19.25 28.68
C ALA A 114 -36.20 18.97 29.52
N ASP A 115 -35.60 20.04 30.06
CA ASP A 115 -34.41 19.94 30.89
C ASP A 115 -34.55 18.81 31.90
N ALA A 116 -33.44 18.16 32.20
CA ALA A 116 -33.46 17.06 33.16
C ALA A 116 -32.18 17.04 34.00
N ALA A 117 -32.34 17.26 35.29
CA ALA A 117 -31.21 17.26 36.20
C ALA A 117 -30.62 15.86 36.19
N PRO A 118 -29.29 15.76 36.23
CA PRO A 118 -28.64 14.45 36.24
C PRO A 118 -28.70 13.76 37.61
N THR A 119 -28.70 12.43 37.60
CA THR A 119 -28.69 11.69 38.85
C THR A 119 -27.23 11.31 39.02
N VAL A 120 -26.61 11.87 40.07
CA VAL A 120 -25.20 11.61 40.34
C VAL A 120 -25.03 10.47 41.34
N SER A 121 -24.26 9.46 40.93
CA SER A 121 -23.99 8.29 41.76
C SER A 121 -22.51 8.12 41.90
N ILE A 122 -22.03 8.01 43.14
CA ILE A 122 -20.60 7.85 43.36
C ILE A 122 -20.31 6.46 43.94
N PHE A 123 -19.25 5.83 43.43
CA PHE A 123 -18.85 4.50 43.87
C PHE A 123 -17.38 4.34 44.20
N PRO A 124 -17.06 4.06 45.48
CA PRO A 124 -15.67 3.87 45.91
C PRO A 124 -15.05 2.64 45.27
N PRO A 125 -13.73 2.48 45.40
CA PRO A 125 -13.07 1.32 44.81
C PRO A 125 -13.63 0.00 45.38
N SER A 126 -13.75 -1.00 44.51
CA SER A 126 -14.25 -2.30 44.93
C SER A 126 -13.19 -2.93 45.81
N SER A 127 -13.62 -3.75 46.76
CA SER A 127 -12.72 -4.41 47.68
C SER A 127 -11.78 -5.30 46.89
N GLU A 128 -12.25 -5.73 45.71
CA GLU A 128 -11.48 -6.59 44.84
C GLU A 128 -10.34 -5.83 44.19
N GLN A 129 -10.66 -4.69 43.58
CA GLN A 129 -9.64 -3.90 42.92
C GLN A 129 -8.53 -3.57 43.92
N LEU A 130 -8.93 -3.23 45.13
CA LEU A 130 -7.99 -2.87 46.19
C LEU A 130 -6.92 -3.93 46.45
N THR A 131 -7.32 -5.20 46.36
CA THR A 131 -6.39 -6.29 46.59
C THR A 131 -5.38 -6.36 45.46
N SER A 132 -5.84 -6.09 44.24
CA SER A 132 -4.96 -6.11 43.08
C SER A 132 -3.98 -4.94 43.22
N GLY A 133 -4.33 -4.00 44.11
CA GLY A 133 -3.49 -2.84 44.36
C GLY A 133 -3.90 -1.58 43.62
N GLY A 134 -5.18 -1.47 43.27
CA GLY A 134 -5.63 -0.29 42.54
C GLY A 134 -6.87 0.33 43.16
N ALA A 135 -7.21 1.55 42.74
CA ALA A 135 -8.38 2.22 43.27
C ALA A 135 -9.01 3.12 42.21
N SER A 136 -10.19 2.72 41.73
CA SER A 136 -10.89 3.49 40.72
C SER A 136 -12.22 3.96 41.32
N VAL A 137 -12.39 5.26 41.42
CA VAL A 137 -13.62 5.82 41.96
C VAL A 137 -14.43 6.25 40.75
N VAL A 138 -15.58 5.61 40.54
CA VAL A 138 -16.44 5.94 39.40
C VAL A 138 -17.61 6.80 39.87
N CYS A 139 -18.17 7.57 38.95
CA CYS A 139 -19.28 8.43 39.25
C CYS A 139 -20.15 8.58 38.00
N PHE A 140 -21.43 8.24 38.10
CA PHE A 140 -22.37 8.33 36.98
C PHE A 140 -23.30 9.54 37.07
N LEU A 141 -23.29 10.36 36.04
CA LEU A 141 -24.17 11.53 35.92
C LEU A 141 -25.13 11.11 34.82
N ASN A 142 -26.26 10.53 35.24
CA ASN A 142 -27.25 10.00 34.33
C ASN A 142 -28.51 10.79 34.02
N ASN A 143 -29.14 10.38 32.93
CA ASN A 143 -30.37 10.96 32.41
C ASN A 143 -30.56 12.47 32.63
N PHE A 144 -29.65 13.26 32.08
CA PHE A 144 -29.74 14.71 32.18
C PHE A 144 -29.89 15.34 30.81
N TYR A 145 -30.44 16.54 30.80
CA TYR A 145 -30.65 17.29 29.57
C TYR A 145 -30.59 18.77 29.95
N PRO A 146 -29.97 19.62 29.11
CA PRO A 146 -29.29 19.36 27.82
C PRO A 146 -28.02 18.51 27.98
N LYS A 147 -27.27 18.31 26.90
CA LYS A 147 -26.06 17.49 26.99
C LYS A 147 -24.80 18.14 27.60
N ASP A 148 -24.83 19.45 27.81
CA ASP A 148 -23.68 20.16 28.35
C ASP A 148 -23.55 19.99 29.88
N ILE A 149 -22.43 19.40 30.32
CA ILE A 149 -22.22 19.18 31.75
C ILE A 149 -20.73 19.16 32.16
N ASN A 150 -20.48 19.60 33.39
CA ASN A 150 -19.14 19.66 33.97
C ASN A 150 -19.02 18.75 35.21
N VAL A 151 -18.05 17.84 35.18
CA VAL A 151 -17.84 16.95 36.31
C VAL A 151 -16.50 17.31 36.96
N LYS A 152 -16.57 17.69 38.25
CA LYS A 152 -15.39 18.05 39.03
C LYS A 152 -15.20 17.08 40.22
N TRP A 153 -13.95 16.68 40.45
CA TRP A 153 -13.60 15.81 41.55
C TRP A 153 -12.82 16.59 42.62
N LYS A 154 -12.98 16.23 43.89
CA LYS A 154 -12.31 16.88 45.00
C LYS A 154 -11.89 15.86 46.06
N ILE A 155 -10.59 15.58 46.18
CA ILE A 155 -10.12 14.62 47.18
C ILE A 155 -9.64 15.36 48.43
N ASP A 156 -10.50 15.41 49.44
CA ASP A 156 -10.22 16.10 50.71
C ASP A 156 -10.38 17.60 50.53
N GLY A 157 -11.44 17.97 49.80
CA GLY A 157 -11.76 19.37 49.54
C GLY A 157 -10.96 19.99 48.42
N SER A 158 -9.85 19.35 48.07
CA SER A 158 -8.96 19.84 47.02
C SER A 158 -9.26 19.18 45.69
N GLU A 159 -9.57 20.01 44.69
CA GLU A 159 -9.90 19.53 43.36
C GLU A 159 -8.76 18.74 42.72
N ARG A 160 -9.10 17.55 42.24
CA ARG A 160 -8.15 16.66 41.61
C ARG A 160 -8.51 16.53 40.13
N GLN A 161 -8.08 17.50 39.34
CA GLN A 161 -8.34 17.52 37.90
C GLN A 161 -7.26 16.84 37.07
N ASN A 162 -6.90 15.62 37.47
CA ASN A 162 -5.88 14.86 36.78
C ASN A 162 -6.15 13.36 36.89
N GLY A 163 -5.91 12.63 35.79
CA GLY A 163 -6.12 11.18 35.76
C GLY A 163 -7.56 10.70 35.78
N VAL A 164 -8.46 11.46 35.15
CA VAL A 164 -9.87 11.12 35.11
C VAL A 164 -10.34 10.76 33.69
N LEU A 165 -10.96 9.59 33.55
CA LEU A 165 -11.48 9.12 32.27
C LEU A 165 -12.99 9.29 32.16
N ASN A 166 -13.42 10.07 31.19
CA ASN A 166 -14.84 10.31 30.99
C ASN A 166 -15.36 9.72 29.69
N SER A 167 -16.58 9.21 29.74
CA SER A 167 -17.25 8.63 28.58
C SER A 167 -18.69 9.13 28.57
N TRP A 168 -19.25 9.33 27.38
CA TRP A 168 -20.60 9.84 27.28
C TRP A 168 -21.42 8.89 26.44
N THR A 169 -22.72 8.83 26.72
CA THR A 169 -23.61 7.97 25.98
C THR A 169 -24.27 8.82 24.90
N ASP A 170 -24.75 8.16 23.85
CA ASP A 170 -25.46 8.87 22.80
C ASP A 170 -26.83 9.10 23.39
N GLN A 171 -27.53 10.13 22.91
CA GLN A 171 -28.87 10.44 23.39
C GLN A 171 -29.71 9.18 23.46
N ASP A 172 -30.46 9.03 24.55
CA ASP A 172 -31.33 7.87 24.76
C ASP A 172 -32.49 7.86 23.76
N SER A 173 -32.58 6.79 22.99
CA SER A 173 -33.63 6.63 22.00
C SER A 173 -35.01 6.60 22.62
N LYS A 174 -35.06 6.39 23.93
CA LYS A 174 -36.31 6.31 24.66
C LYS A 174 -36.76 7.65 25.28
N ASP A 175 -36.07 8.11 26.33
CA ASP A 175 -36.40 9.37 26.99
C ASP A 175 -35.70 10.60 26.42
N SER A 176 -34.72 10.40 25.55
CA SER A 176 -33.98 11.50 24.92
C SER A 176 -33.04 12.29 25.83
N THR A 177 -32.54 11.67 26.89
CA THR A 177 -31.60 12.34 27.78
C THR A 177 -30.19 11.84 27.49
N TYR A 178 -29.23 12.32 28.27
CA TYR A 178 -27.84 11.93 28.11
C TYR A 178 -27.34 11.43 29.44
N SER A 179 -26.30 10.60 29.40
CA SER A 179 -25.70 10.06 30.61
C SER A 179 -24.19 10.06 30.42
N MET A 180 -23.44 10.05 31.51
CA MET A 180 -21.98 10.03 31.44
C MET A 180 -21.31 9.36 32.64
N SER A 181 -20.23 8.64 32.38
CA SER A 181 -19.48 7.99 33.44
C SER A 181 -18.14 8.70 33.55
N SER A 182 -17.72 8.98 34.77
CA SER A 182 -16.44 9.63 35.00
C SER A 182 -15.64 8.81 35.99
N THR A 183 -14.61 8.14 35.51
CA THR A 183 -13.80 7.29 36.38
C THR A 183 -12.44 7.85 36.82
N LEU A 184 -12.33 8.19 38.10
CA LEU A 184 -11.07 8.68 38.64
C LEU A 184 -10.28 7.43 38.98
N THR A 185 -9.03 7.36 38.57
CA THR A 185 -8.22 6.18 38.87
C THR A 185 -6.97 6.54 39.69
N LEU A 186 -6.85 5.93 40.86
CA LEU A 186 -5.70 6.17 41.73
C LEU A 186 -4.99 4.84 41.98
N THR A 187 -4.31 4.76 43.13
CA THR A 187 -3.61 3.55 43.52
C THR A 187 -4.02 3.27 44.95
N LYS A 188 -3.95 2.00 45.34
CA LYS A 188 -4.31 1.57 46.69
C LYS A 188 -3.66 2.45 47.75
N ASP A 189 -2.36 2.73 47.58
CA ASP A 189 -1.63 3.56 48.52
C ASP A 189 -2.04 5.02 48.49
N GLU A 190 -2.21 5.59 47.29
CA GLU A 190 -2.60 7.00 47.16
C GLU A 190 -4.03 7.18 47.63
N TYR A 191 -4.86 6.19 47.29
CA TYR A 191 -6.27 6.18 47.68
C TYR A 191 -6.37 6.13 49.22
N GLU A 192 -5.53 5.31 49.84
CA GLU A 192 -5.50 5.17 51.30
C GLU A 192 -4.90 6.39 52.02
N ARG A 193 -4.48 7.37 51.23
CA ARG A 193 -3.87 8.61 51.70
C ARG A 193 -4.92 9.69 51.92
N HIS A 194 -6.12 9.46 51.40
CA HIS A 194 -7.20 10.42 51.52
C HIS A 194 -8.41 9.79 52.18
N ASN A 195 -9.39 10.62 52.51
CA ASN A 195 -10.59 10.14 53.14
C ASN A 195 -11.80 10.57 52.33
N SER A 196 -11.89 11.85 52.01
CA SER A 196 -13.01 12.39 51.25
C SER A 196 -12.87 12.44 49.73
N TYR A 197 -13.74 11.70 49.05
CA TYR A 197 -13.78 11.62 47.59
C TYR A 197 -15.11 12.22 47.23
N THR A 198 -15.07 13.21 46.36
CA THR A 198 -16.28 13.92 45.96
C THR A 198 -16.45 14.12 44.45
N CYS A 199 -17.69 14.00 44.00
CA CYS A 199 -18.03 14.16 42.60
C CYS A 199 -19.10 15.25 42.43
N GLU A 200 -18.68 16.39 41.88
CA GLU A 200 -19.55 17.56 41.65
C GLU A 200 -19.96 17.72 40.18
N ALA A 201 -21.26 17.92 39.96
CA ALA A 201 -21.79 18.07 38.62
C ALA A 201 -22.35 19.47 38.37
N THR A 202 -21.82 20.16 37.36
CA THR A 202 -22.28 21.49 37.02
C THR A 202 -23.15 21.41 35.76
N HIS A 203 -24.46 21.36 35.99
CA HIS A 203 -25.43 21.30 34.92
C HIS A 203 -26.19 22.63 34.95
N LYS A 204 -26.57 23.10 33.76
CA LYS A 204 -27.31 24.36 33.65
C LYS A 204 -28.59 24.36 34.50
N THR A 205 -28.71 23.35 35.34
CA THR A 205 -29.84 23.19 36.24
C THR A 205 -29.39 23.36 37.69
N SER A 206 -28.11 23.69 37.88
CA SER A 206 -27.59 23.86 39.24
C SER A 206 -26.62 25.01 39.49
N THR A 207 -25.59 25.15 38.67
CA THR A 207 -24.54 26.20 38.83
C THR A 207 -23.79 25.97 40.15
N SER A 208 -24.55 25.61 41.19
CA SER A 208 -24.02 25.29 42.52
C SER A 208 -24.11 23.75 42.52
N PRO A 209 -23.15 23.11 41.86
CA PRO A 209 -22.92 21.68 41.63
C PRO A 209 -23.69 20.64 42.46
N ILE A 210 -24.05 19.55 41.79
CA ILE A 210 -24.73 18.44 42.44
C ILE A 210 -23.56 17.66 43.02
N VAL A 211 -23.54 17.53 44.35
CA VAL A 211 -22.42 16.84 44.99
C VAL A 211 -22.74 15.52 45.69
N LYS A 212 -21.98 14.50 45.32
CA LYS A 212 -22.10 13.16 45.91
C LYS A 212 -20.72 12.78 46.39
N SER A 213 -20.61 12.37 47.65
CA SER A 213 -19.31 12.01 48.22
C SER A 213 -19.34 10.81 49.18
N PHE A 214 -18.15 10.49 49.69
CA PHE A 214 -18.00 9.42 50.66
C PHE A 214 -16.63 9.53 51.31
N ASN A 215 -16.47 8.87 52.45
CA ASN A 215 -15.19 8.86 53.18
C ASN A 215 -14.66 7.45 53.15
N ARG A 216 -13.42 7.30 52.69
CA ARG A 216 -12.82 5.99 52.59
C ARG A 216 -13.09 5.16 53.84
N ASN A 217 -12.65 5.64 54.99
CA ASN A 217 -12.85 4.91 56.23
C ASN A 217 -14.31 4.79 56.71
N GLU A 218 -15.08 5.87 56.59
CA GLU A 218 -16.48 5.88 57.05
C GLU A 218 -17.45 6.45 56.00
N CYS A 219 -18.48 5.68 55.64
CA CYS A 219 -19.46 6.12 54.63
C CYS A 219 -18.74 6.90 53.54
N GLU B 1 -26.52 -5.01 -9.39
CA GLU B 1 -26.45 -4.18 -8.14
C GLU B 1 -25.01 -3.85 -7.79
N VAL B 2 -24.73 -2.56 -7.68
CA VAL B 2 -23.40 -2.09 -7.34
C VAL B 2 -23.04 -2.53 -5.93
N LYS B 3 -21.83 -3.04 -5.76
CA LYS B 3 -21.35 -3.47 -4.46
C LYS B 3 -19.89 -3.09 -4.29
N LEU B 4 -19.50 -2.86 -3.04
CA LEU B 4 -18.13 -2.50 -2.66
C LEU B 4 -17.92 -3.17 -1.33
N VAL B 5 -17.03 -4.16 -1.28
CA VAL B 5 -16.78 -4.87 -0.03
C VAL B 5 -15.33 -4.78 0.43
N GLU B 6 -15.13 -4.15 1.58
CA GLU B 6 -13.80 -4.00 2.12
C GLU B 6 -13.42 -5.20 2.95
N SER B 7 -12.14 -5.56 2.85
CA SER B 7 -11.57 -6.69 3.59
C SER B 7 -10.14 -6.32 3.99
N GLY B 8 -9.49 -7.15 4.80
CA GLY B 8 -8.12 -6.89 5.19
C GLY B 8 -7.89 -6.09 6.47
N GLY B 9 -8.95 -5.48 7.01
CA GLY B 9 -8.81 -4.72 8.23
C GLY B 9 -8.42 -5.62 9.37
N GLY B 10 -7.79 -5.08 10.40
CA GLY B 10 -7.38 -5.89 11.53
C GLY B 10 -6.39 -5.18 12.43
N LEU B 11 -5.84 -5.90 13.41
CA LEU B 11 -4.88 -5.32 14.34
C LEU B 11 -3.46 -5.33 13.83
N VAL B 12 -2.85 -4.15 13.77
CA VAL B 12 -1.48 -4.00 13.30
C VAL B 12 -0.69 -3.12 14.27
N LYS B 13 0.55 -3.53 14.56
CA LYS B 13 1.41 -2.78 15.47
C LYS B 13 1.91 -1.52 14.78
N PRO B 14 2.30 -0.49 15.54
CA PRO B 14 2.80 0.75 14.92
C PRO B 14 3.93 0.48 13.92
N GLY B 15 4.07 1.37 12.94
CA GLY B 15 5.10 1.23 11.94
C GLY B 15 4.91 0.06 11.01
N GLY B 16 4.00 -0.84 11.38
CA GLY B 16 3.73 -2.03 10.59
C GLY B 16 3.01 -1.77 9.28
N SER B 17 2.75 -2.85 8.55
CA SER B 17 2.07 -2.80 7.26
C SER B 17 0.82 -3.69 7.21
N LEU B 18 -0.11 -3.28 6.34
CA LEU B 18 -1.37 -3.99 6.15
C LEU B 18 -1.88 -3.64 4.76
N LYS B 19 -2.57 -4.57 4.12
CA LYS B 19 -3.12 -4.36 2.78
C LYS B 19 -4.63 -4.49 2.82
N LEU B 20 -5.33 -3.43 2.40
CA LEU B 20 -6.80 -3.46 2.37
C LEU B 20 -7.26 -3.68 0.94
N SER B 21 -8.30 -4.49 0.79
CA SER B 21 -8.84 -4.80 -0.52
C SER B 21 -10.29 -4.34 -0.56
N CYS B 22 -10.77 -4.11 -1.77
CA CYS B 22 -12.12 -3.65 -1.97
C CYS B 22 -12.62 -4.26 -3.26
N ALA B 23 -13.50 -5.25 -3.12
CA ALA B 23 -14.08 -5.93 -4.27
C ALA B 23 -15.30 -5.13 -4.70
N ALA B 24 -15.34 -4.78 -5.99
CA ALA B 24 -16.43 -4.01 -6.55
C ALA B 24 -17.34 -4.89 -7.43
N SER B 25 -18.54 -4.39 -7.69
CA SER B 25 -19.51 -5.11 -8.52
C SER B 25 -20.52 -4.10 -9.08
N GLY B 26 -21.14 -4.43 -10.20
CA GLY B 26 -22.13 -3.54 -10.80
C GLY B 26 -21.57 -2.53 -11.77
N PHE B 27 -20.26 -2.29 -11.69
CA PHE B 27 -19.59 -1.33 -12.57
C PHE B 27 -18.13 -1.72 -12.84
N SER B 28 -17.46 -0.91 -13.65
CA SER B 28 -16.06 -1.09 -14.02
C SER B 28 -15.23 0.07 -13.50
N PHE B 29 -13.95 -0.17 -13.24
CA PHE B 29 -13.07 0.89 -12.75
C PHE B 29 -12.66 1.91 -13.82
N ARG B 30 -12.55 1.46 -15.07
CA ARG B 30 -12.19 2.35 -16.17
C ARG B 30 -13.22 3.46 -16.34
N ASN B 31 -14.39 3.33 -15.71
CA ASN B 31 -15.43 4.33 -15.84
C ASN B 31 -15.72 5.15 -14.59
N TYR B 32 -15.14 4.75 -13.47
CA TYR B 32 -15.38 5.47 -12.23
C TYR B 32 -14.14 5.79 -11.45
N GLY B 33 -14.21 6.89 -10.71
CA GLY B 33 -13.11 7.32 -9.86
C GLY B 33 -13.31 6.62 -8.53
N MET B 34 -12.22 6.13 -7.95
CA MET B 34 -12.28 5.39 -6.70
C MET B 34 -11.51 6.10 -5.61
N SER B 35 -11.98 5.98 -4.37
CA SER B 35 -11.34 6.63 -3.25
C SER B 35 -11.48 5.79 -1.99
N TRP B 36 -10.66 6.14 -1.00
CA TRP B 36 -10.69 5.51 0.31
C TRP B 36 -10.92 6.66 1.29
N VAL B 37 -11.88 6.51 2.18
CA VAL B 37 -12.16 7.53 3.19
C VAL B 37 -12.29 6.81 4.52
N ARG B 38 -11.66 7.34 5.56
CA ARG B 38 -11.70 6.71 6.86
C ARG B 38 -12.39 7.55 7.93
N GLN B 39 -13.02 6.88 8.88
CA GLN B 39 -13.66 7.55 9.99
C GLN B 39 -12.94 7.11 11.26
N THR B 40 -12.24 8.06 11.87
CA THR B 40 -11.49 7.83 13.09
C THR B 40 -12.44 7.63 14.28
N PRO B 41 -11.96 7.01 15.36
CA PRO B 41 -12.77 6.77 16.56
C PRO B 41 -13.56 7.98 17.05
N GLU B 42 -13.05 9.17 16.75
CA GLU B 42 -13.69 10.41 17.15
C GLU B 42 -14.86 10.69 16.18
N LYS B 43 -15.00 9.85 15.16
CA LYS B 43 -16.04 9.98 14.14
C LYS B 43 -15.70 11.04 13.09
N ARG B 44 -14.42 11.35 12.94
CA ARG B 44 -13.98 12.36 11.98
C ARG B 44 -13.74 11.71 10.61
N LEU B 45 -14.21 12.34 9.55
CA LEU B 45 -14.01 11.79 8.20
C LEU B 45 -12.78 12.41 7.54
N GLU B 46 -11.91 11.53 7.07
CA GLU B 46 -10.67 11.90 6.42
C GLU B 46 -10.50 11.19 5.09
N TRP B 47 -10.05 11.94 4.10
CA TRP B 47 -9.81 11.40 2.77
C TRP B 47 -8.43 10.78 2.80
N VAL B 48 -8.28 9.57 2.31
CA VAL B 48 -6.99 8.91 2.31
C VAL B 48 -6.33 8.94 0.93
N ALA B 49 -7.06 8.50 -0.09
CA ALA B 49 -6.52 8.48 -1.43
C ALA B 49 -7.60 8.18 -2.46
N SER B 50 -7.32 8.52 -3.72
CA SER B 50 -8.25 8.25 -4.81
C SER B 50 -7.50 8.05 -6.13
N ILE B 51 -8.07 7.22 -6.99
CA ILE B 51 -7.47 6.93 -8.28
C ILE B 51 -8.56 7.14 -9.34
N SER B 52 -8.25 7.95 -10.36
CA SER B 52 -9.20 8.25 -11.42
C SER B 52 -9.42 7.07 -12.33
N TYR B 53 -10.50 7.15 -13.11
CA TYR B 53 -10.84 6.11 -14.05
C TYR B 53 -9.67 5.86 -15.00
N GLY B 54 -8.78 6.86 -15.08
CA GLY B 54 -7.62 6.78 -15.96
C GLY B 54 -6.32 6.33 -15.32
N GLY B 55 -6.25 6.38 -14.00
CA GLY B 55 -5.05 5.93 -13.31
C GLY B 55 -4.44 7.01 -12.44
N LEU B 56 -4.91 8.24 -12.61
CA LEU B 56 -4.39 9.36 -11.82
C LEU B 56 -4.63 9.13 -10.33
N ILE B 57 -3.57 9.26 -9.56
CA ILE B 57 -3.57 9.06 -8.12
C ILE B 57 -3.42 10.34 -7.33
N TYR B 58 -4.15 10.44 -6.23
CA TYR B 58 -4.09 11.62 -5.38
C TYR B 58 -4.04 11.19 -3.91
N TYR B 59 -3.16 11.84 -3.14
CA TYR B 59 -3.01 11.58 -1.71
C TYR B 59 -2.91 12.92 -0.99
N PRO B 60 -3.34 12.97 0.29
CA PRO B 60 -3.22 14.24 1.02
C PRO B 60 -1.80 14.12 1.58
N ASP B 61 -1.13 15.24 1.85
CA ASP B 61 0.26 15.14 2.35
C ASP B 61 0.54 14.20 3.54
N SER B 62 -0.42 14.01 4.43
CA SER B 62 -0.20 13.14 5.59
C SER B 62 -0.11 11.67 5.20
N ILE B 63 -0.87 11.28 4.19
CA ILE B 63 -0.87 9.90 3.74
C ILE B 63 0.19 9.67 2.65
N LYS B 64 0.41 10.67 1.81
CA LYS B 64 1.38 10.55 0.74
C LYS B 64 2.67 9.88 1.20
N GLY B 65 3.08 8.84 0.48
CA GLY B 65 4.31 8.15 0.84
C GLY B 65 4.17 6.95 1.74
N ARG B 66 3.23 7.02 2.68
CA ARG B 66 3.00 5.91 3.61
C ARG B 66 1.99 4.90 3.08
N PHE B 67 0.92 5.41 2.49
CA PHE B 67 -0.14 4.56 1.92
C PHE B 67 -0.07 4.56 0.39
N THR B 68 -0.66 3.54 -0.22
CA THR B 68 -0.64 3.39 -1.67
C THR B 68 -1.91 2.78 -2.25
N ILE B 69 -2.68 3.56 -3.01
CA ILE B 69 -3.88 3.02 -3.66
C ILE B 69 -3.45 2.48 -5.01
N SER B 70 -4.00 1.33 -5.34
CA SER B 70 -3.72 0.69 -6.60
C SER B 70 -5.04 0.02 -6.96
N ARG B 71 -5.16 -0.44 -8.18
CA ARG B 71 -6.39 -1.10 -8.56
C ARG B 71 -6.10 -2.23 -9.54
N ASP B 72 -6.89 -3.30 -9.42
CA ASP B 72 -6.80 -4.43 -10.30
C ASP B 72 -8.06 -4.25 -11.14
N ILE B 73 -7.94 -3.59 -12.28
CA ILE B 73 -9.08 -3.33 -13.14
C ILE B 73 -9.68 -4.63 -13.65
N ALA B 74 -8.80 -5.58 -13.98
CA ALA B 74 -9.24 -6.88 -14.50
C ALA B 74 -10.16 -7.55 -13.48
N GLN B 75 -9.66 -7.79 -12.29
CA GLN B 75 -10.44 -8.42 -11.24
C GLN B 75 -11.27 -7.42 -10.45
N ASN B 76 -11.39 -6.21 -10.98
CA ASN B 76 -12.14 -5.12 -10.34
C ASN B 76 -12.06 -5.13 -8.82
N ILE B 77 -10.83 -4.93 -8.34
CA ILE B 77 -10.53 -4.90 -6.91
C ILE B 77 -9.66 -3.66 -6.67
N LEU B 78 -10.01 -2.87 -5.66
CA LEU B 78 -9.27 -1.66 -5.32
C LEU B 78 -8.45 -2.02 -4.09
N TYR B 79 -7.27 -1.45 -3.94
CA TYR B 79 -6.42 -1.75 -2.80
C TYR B 79 -5.91 -0.48 -2.15
N LEU B 80 -5.37 -0.64 -0.96
CA LEU B 80 -4.77 0.45 -0.19
C LEU B 80 -3.69 -0.19 0.70
N GLN B 81 -2.45 -0.04 0.26
CA GLN B 81 -1.32 -0.56 1.00
C GLN B 81 -0.97 0.47 2.07
N MET B 82 -0.94 0.03 3.33
CA MET B 82 -0.65 0.89 4.45
C MET B 82 0.64 0.46 5.13
N SER B 83 1.48 1.46 5.44
CA SER B 83 2.76 1.23 6.10
C SER B 83 3.11 2.51 6.86
N SER B 84 4.11 2.44 7.73
CA SER B 84 4.50 3.60 8.55
C SER B 84 3.29 3.97 9.42
N LEU B 85 2.54 2.94 9.81
CA LEU B 85 1.33 3.08 10.60
C LEU B 85 1.48 3.62 12.01
N ARG B 86 0.59 4.58 12.32
CA ARG B 86 0.51 5.24 13.62
C ARG B 86 -0.86 4.94 14.23
N SER B 87 -1.03 5.26 15.51
CA SER B 87 -2.30 5.02 16.17
C SER B 87 -3.44 5.86 15.63
N GLU B 88 -3.11 7.03 15.09
CA GLU B 88 -4.11 7.94 14.50
C GLU B 88 -4.66 7.38 13.20
N ASP B 89 -3.98 6.37 12.66
CA ASP B 89 -4.40 5.72 11.43
C ASP B 89 -5.49 4.72 11.75
N THR B 90 -5.81 4.60 13.04
CA THR B 90 -6.86 3.70 13.52
C THR B 90 -8.21 4.31 13.13
N ALA B 91 -8.95 3.60 12.28
CA ALA B 91 -10.24 4.08 11.83
C ALA B 91 -10.92 3.01 11.01
N MET B 92 -12.15 3.30 10.60
CA MET B 92 -12.91 2.38 9.78
C MET B 92 -12.61 2.88 8.36
N TYR B 93 -12.15 1.98 7.49
CA TYR B 93 -11.82 2.34 6.12
C TYR B 93 -12.91 1.95 5.12
N HIS B 94 -13.33 2.91 4.31
CA HIS B 94 -14.38 2.71 3.31
C HIS B 94 -13.87 2.99 1.92
N CYS B 95 -14.19 2.13 0.95
CA CYS B 95 -13.80 2.44 -0.42
C CYS B 95 -15.05 3.04 -1.02
N ILE B 96 -14.89 3.96 -1.96
CA ILE B 96 -16.05 4.63 -2.50
C ILE B 96 -15.90 4.89 -3.97
N ARG B 97 -17.00 4.69 -4.69
CA ARG B 97 -17.06 4.93 -6.11
C ARG B 97 -17.66 6.32 -6.27
N GLY B 98 -17.02 7.16 -7.07
CA GLY B 98 -17.54 8.49 -7.28
C GLY B 98 -17.72 8.70 -8.76
N ASP B 99 -18.37 9.82 -9.09
CA ASP B 99 -18.60 10.18 -10.48
C ASP B 99 -17.64 11.33 -10.87
N SER B 100 -16.65 10.99 -11.69
CA SER B 100 -15.65 11.93 -12.16
C SER B 100 -16.22 13.29 -12.55
N PHE B 101 -15.71 14.31 -11.87
CA PHE B 101 -16.11 15.71 -12.07
C PHE B 101 -17.59 15.97 -11.80
N LEU B 102 -18.20 15.07 -11.03
CA LEU B 102 -19.61 15.19 -10.70
C LEU B 102 -19.87 15.08 -9.18
N VAL B 103 -19.41 13.99 -8.55
CA VAL B 103 -19.59 13.76 -7.12
C VAL B 103 -18.47 12.85 -6.65
N TRP B 104 -17.79 13.23 -5.59
CA TRP B 104 -16.68 12.45 -5.06
C TRP B 104 -17.01 11.11 -4.44
N PHE B 105 -17.97 11.13 -3.52
CA PHE B 105 -18.33 9.92 -2.77
C PHE B 105 -19.80 9.49 -2.87
N THR B 106 -20.22 9.19 -4.08
CA THR B 106 -21.60 8.77 -4.38
C THR B 106 -22.02 7.46 -3.69
N PHE B 107 -21.15 6.46 -3.73
CA PHE B 107 -21.46 5.16 -3.15
C PHE B 107 -20.39 4.64 -2.20
N TRP B 108 -20.76 4.46 -0.93
CA TRP B 108 -19.84 3.97 0.09
C TRP B 108 -19.95 2.48 0.41
N GLY B 109 -18.83 1.91 0.81
CA GLY B 109 -18.80 0.51 1.21
C GLY B 109 -18.99 0.57 2.71
N GLN B 110 -19.40 -0.54 3.33
CA GLN B 110 -19.62 -0.60 4.78
C GLN B 110 -18.33 -0.36 5.58
N GLY B 111 -17.19 -0.66 4.94
CA GLY B 111 -15.89 -0.47 5.56
C GLY B 111 -15.26 -1.65 6.29
N THR B 112 -13.99 -1.47 6.66
CA THR B 112 -13.20 -2.44 7.39
C THR B 112 -12.37 -1.71 8.46
N LEU B 113 -12.37 -2.23 9.67
CA LEU B 113 -11.66 -1.59 10.75
C LEU B 113 -10.17 -1.92 10.87
N VAL B 114 -9.37 -0.88 10.89
CA VAL B 114 -7.93 -1.02 11.05
C VAL B 114 -7.57 -0.40 12.39
N THR B 115 -6.98 -1.20 13.26
CA THR B 115 -6.59 -0.73 14.58
C THR B 115 -5.08 -0.85 14.74
N VAL B 116 -4.45 0.29 15.00
CA VAL B 116 -3.01 0.35 15.19
C VAL B 116 -2.70 0.49 16.68
N SER B 117 -2.03 -0.50 17.23
CA SER B 117 -1.66 -0.49 18.63
C SER B 117 -0.61 -1.54 18.96
N ALA B 118 0.19 -1.22 19.97
CA ALA B 118 1.26 -2.09 20.44
C ALA B 118 0.74 -2.97 21.58
N ALA B 119 -0.44 -2.65 22.08
CA ALA B 119 -1.05 -3.40 23.17
C ALA B 119 -1.19 -4.88 22.81
N LYS B 120 -1.23 -5.71 23.86
CA LYS B 120 -1.36 -7.16 23.72
C LYS B 120 -2.70 -7.65 24.28
N THR B 121 -3.21 -8.78 23.78
CA THR B 121 -4.50 -9.32 24.24
C THR B 121 -4.49 -9.42 25.76
N THR B 122 -5.33 -8.60 26.39
CA THR B 122 -5.43 -8.55 27.84
C THR B 122 -6.89 -8.74 28.26
N ALA B 123 -7.14 -9.74 29.10
CA ALA B 123 -8.50 -9.98 29.58
C ALA B 123 -8.88 -8.80 30.46
N PRO B 124 -10.16 -8.43 30.48
CA PRO B 124 -10.60 -7.29 31.30
C PRO B 124 -10.61 -7.52 32.81
N SER B 125 -10.60 -6.42 33.53
CA SER B 125 -10.67 -6.47 34.98
C SER B 125 -12.11 -6.05 35.25
N VAL B 126 -12.91 -6.94 35.81
CA VAL B 126 -14.31 -6.64 36.09
C VAL B 126 -14.56 -6.46 37.58
N TYR B 127 -14.92 -5.24 37.98
CA TYR B 127 -15.16 -4.91 39.38
C TYR B 127 -16.61 -4.50 39.62
N PRO B 128 -17.22 -5.00 40.72
CA PRO B 128 -18.61 -4.71 41.10
C PRO B 128 -18.72 -3.38 41.84
N LEU B 129 -19.54 -2.46 41.31
CA LEU B 129 -19.69 -1.14 41.92
C LEU B 129 -20.86 -1.03 42.89
N ALA B 130 -20.57 -1.18 44.18
CA ALA B 130 -21.60 -1.07 45.21
C ALA B 130 -21.74 0.39 45.68
N PRO B 131 -22.98 0.85 45.89
CA PRO B 131 -23.26 2.22 46.34
C PRO B 131 -22.71 2.58 47.71
N VAL B 132 -22.50 3.87 47.93
CA VAL B 132 -22.01 4.37 49.20
C VAL B 132 -23.21 4.43 50.14
N CYS B 133 -22.95 4.46 51.44
CA CYS B 133 -24.02 4.50 52.44
C CYS B 133 -25.06 5.63 52.24
N GLY B 134 -24.68 6.66 51.49
CA GLY B 134 -25.59 7.77 51.27
C GLY B 134 -26.68 7.57 50.23
N ASP B 135 -26.29 7.43 48.97
CA ASP B 135 -27.20 7.24 47.84
C ASP B 135 -28.43 6.37 48.13
N THR B 136 -28.17 5.18 48.66
CA THR B 136 -29.21 4.18 48.98
C THR B 136 -30.40 4.65 49.82
N THR B 137 -30.35 5.88 50.32
CA THR B 137 -31.44 6.40 51.14
C THR B 137 -32.53 7.09 50.31
N GLY B 138 -33.10 6.35 49.35
CA GLY B 138 -34.15 6.90 48.50
C GLY B 138 -35.05 5.87 47.82
N SER B 139 -35.76 6.31 46.79
CA SER B 139 -36.67 5.45 46.03
C SER B 139 -35.96 4.44 45.11
N SER B 140 -34.94 4.91 44.40
CA SER B 140 -34.18 4.06 43.47
C SER B 140 -32.74 3.86 43.93
N VAL B 141 -32.09 2.89 43.29
CA VAL B 141 -30.69 2.58 43.61
C VAL B 141 -29.95 2.28 42.33
N THR B 142 -28.88 3.02 42.08
CA THR B 142 -28.08 2.82 40.88
C THR B 142 -26.86 1.99 41.21
N LEU B 143 -26.63 0.93 40.44
CA LEU B 143 -25.48 0.04 40.65
C LEU B 143 -24.49 0.23 39.51
N GLY B 144 -23.49 -0.62 39.44
CA GLY B 144 -22.53 -0.43 38.37
C GLY B 144 -21.54 -1.55 38.20
N CYS B 145 -20.75 -1.43 37.14
CA CYS B 145 -19.76 -2.42 36.81
C CYS B 145 -18.60 -1.77 36.10
N LEU B 146 -17.41 -1.95 36.63
CA LEU B 146 -16.23 -1.39 36.02
C LEU B 146 -15.46 -2.50 35.26
N VAL B 147 -15.27 -2.30 33.96
CA VAL B 147 -14.56 -3.25 33.10
C VAL B 147 -13.29 -2.53 32.64
N LYS B 148 -12.21 -2.71 33.40
CA LYS B 148 -10.94 -2.05 33.15
C LYS B 148 -9.89 -2.84 32.35
N GLY B 149 -8.90 -2.08 31.85
CA GLY B 149 -7.79 -2.63 31.11
C GLY B 149 -7.92 -3.90 30.28
N TYR B 150 -8.72 -3.85 29.20
CA TYR B 150 -8.88 -5.01 28.34
C TYR B 150 -8.45 -4.68 26.91
N PHE B 151 -8.02 -5.71 26.19
CA PHE B 151 -7.61 -5.54 24.81
C PHE B 151 -7.64 -6.89 24.09
N PRO B 152 -8.14 -6.91 22.84
CA PRO B 152 -8.65 -5.75 22.11
C PRO B 152 -10.13 -5.52 22.43
N GLU B 153 -10.78 -4.74 21.59
CA GLU B 153 -12.20 -4.49 21.77
C GLU B 153 -12.90 -5.48 20.82
N PRO B 154 -14.17 -5.81 21.08
CA PRO B 154 -15.00 -5.33 22.17
C PRO B 154 -15.30 -6.39 23.24
N VAL B 155 -16.00 -5.97 24.28
CA VAL B 155 -16.42 -6.86 25.35
C VAL B 155 -17.94 -6.76 25.35
N THR B 156 -18.61 -7.74 25.95
CA THR B 156 -20.07 -7.75 26.01
C THR B 156 -20.55 -7.79 27.44
N LEU B 157 -21.28 -6.74 27.85
CA LEU B 157 -21.78 -6.64 29.21
C LEU B 157 -23.29 -6.70 29.31
N THR B 158 -23.77 -7.51 30.26
CA THR B 158 -25.21 -7.65 30.54
C THR B 158 -25.45 -7.74 32.03
N TRP B 159 -26.71 -7.62 32.41
CA TRP B 159 -27.12 -7.67 33.82
C TRP B 159 -28.08 -8.84 34.02
N ASN B 160 -27.69 -9.80 34.84
CA ASN B 160 -28.53 -10.96 35.09
C ASN B 160 -28.79 -11.71 33.78
N SER B 161 -27.74 -11.77 32.95
CA SER B 161 -27.77 -12.47 31.68
C SER B 161 -28.72 -11.88 30.65
N GLY B 162 -29.03 -10.60 30.80
CA GLY B 162 -29.93 -9.96 29.86
C GLY B 162 -31.29 -9.72 30.49
N SER B 163 -31.54 -10.42 31.59
CA SER B 163 -32.80 -10.31 32.31
C SER B 163 -33.01 -8.88 32.75
N LEU B 164 -31.92 -8.16 32.97
CA LEU B 164 -32.00 -6.77 33.40
C LEU B 164 -31.64 -5.88 32.22
N SER B 165 -32.67 -5.34 31.58
CA SER B 165 -32.51 -4.50 30.40
C SER B 165 -32.86 -3.02 30.56
N SER B 166 -34.08 -2.71 30.95
CA SER B 166 -34.47 -1.31 31.12
C SER B 166 -33.68 -0.60 32.22
N GLY B 167 -33.43 0.69 32.03
CA GLY B 167 -32.70 1.50 32.99
C GLY B 167 -31.21 1.25 33.08
N VAL B 168 -30.62 0.82 31.97
CA VAL B 168 -29.19 0.53 31.91
C VAL B 168 -28.45 1.57 31.05
N HIS B 169 -27.18 1.82 31.37
CA HIS B 169 -26.34 2.77 30.63
C HIS B 169 -24.95 2.19 30.51
N THR B 170 -24.61 1.64 29.35
CA THR B 170 -23.29 1.09 29.15
C THR B 170 -22.51 2.13 28.35
N PHE B 171 -21.44 2.66 28.95
CA PHE B 171 -20.65 3.70 28.31
C PHE B 171 -19.56 3.26 27.34
N PRO B 172 -19.32 4.06 26.30
CA PRO B 172 -18.30 3.77 25.29
C PRO B 172 -16.91 3.59 25.93
N ALA B 173 -16.18 2.59 25.46
CA ALA B 173 -14.84 2.33 25.99
C ALA B 173 -13.95 3.49 25.64
N VAL B 174 -12.84 3.60 26.35
CA VAL B 174 -11.84 4.65 26.12
C VAL B 174 -10.47 4.10 26.49
N LEU B 175 -9.46 4.44 25.69
CA LEU B 175 -8.09 4.01 25.96
C LEU B 175 -7.57 4.80 27.15
N GLN B 176 -7.01 4.09 28.12
CA GLN B 176 -6.47 4.73 29.31
C GLN B 176 -4.96 4.85 29.17
N SER B 177 -4.39 3.87 28.49
CA SER B 177 -2.95 3.82 28.24
C SER B 177 -2.69 2.58 27.40
N ASP B 178 -3.31 2.55 26.22
CA ASP B 178 -3.18 1.42 25.29
C ASP B 178 -4.13 0.28 25.63
N LEU B 179 -4.89 0.46 26.71
CA LEU B 179 -5.89 -0.52 27.16
C LEU B 179 -7.25 0.15 27.29
N TYR B 180 -8.29 -0.61 26.97
CA TYR B 180 -9.66 -0.12 27.00
C TYR B 180 -10.33 -0.28 28.38
N THR B 181 -11.13 0.72 28.74
CA THR B 181 -11.85 0.68 30.01
C THR B 181 -13.29 1.11 29.71
N LEU B 182 -14.24 0.37 30.26
CA LEU B 182 -15.65 0.66 30.04
C LEU B 182 -16.41 0.52 31.35
N SER B 183 -17.58 1.15 31.43
CA SER B 183 -18.41 1.06 32.63
C SER B 183 -19.90 1.07 32.29
N SER B 184 -20.68 0.36 33.08
CA SER B 184 -22.12 0.28 32.89
C SER B 184 -22.82 0.56 34.21
N SER B 185 -23.96 1.23 34.15
CA SER B 185 -24.73 1.52 35.35
C SER B 185 -26.12 0.95 35.17
N VAL B 186 -26.70 0.47 36.26
CA VAL B 186 -28.06 -0.07 36.21
C VAL B 186 -28.86 0.46 37.40
N THR B 187 -29.97 1.11 37.08
CA THR B 187 -30.85 1.69 38.08
C THR B 187 -32.08 0.81 38.22
N VAL B 188 -32.50 0.57 39.47
CA VAL B 188 -33.67 -0.27 39.74
C VAL B 188 -34.34 0.24 41.02
N THR B 189 -35.51 -0.31 41.35
CA THR B 189 -36.23 0.10 42.55
C THR B 189 -35.43 -0.25 43.82
N SER B 190 -35.70 0.43 44.93
CA SER B 190 -34.99 0.16 46.17
C SER B 190 -35.31 -1.23 46.70
N SER B 191 -36.53 -1.69 46.41
CA SER B 191 -36.99 -3.00 46.86
C SER B 191 -36.58 -4.09 45.90
N THR B 192 -35.96 -3.69 44.78
CA THR B 192 -35.47 -4.63 43.78
C THR B 192 -34.08 -5.07 44.20
N TRP B 193 -33.27 -4.13 44.68
CA TRP B 193 -31.92 -4.41 45.14
C TRP B 193 -31.74 -3.83 46.55
N PRO B 194 -31.01 -4.54 47.43
CA PRO B 194 -30.35 -5.83 47.19
C PRO B 194 -31.25 -7.05 47.36
N SER B 195 -32.54 -6.81 47.60
CA SER B 195 -33.52 -7.89 47.79
C SER B 195 -33.42 -8.95 46.69
N GLN B 196 -33.33 -8.50 45.44
CA GLN B 196 -33.23 -9.40 44.30
C GLN B 196 -31.80 -9.41 43.78
N SER B 197 -31.36 -10.58 43.33
CA SER B 197 -30.00 -10.73 42.82
C SER B 197 -29.69 -9.91 41.57
N ILE B 198 -28.58 -9.19 41.62
CA ILE B 198 -28.14 -8.39 40.49
C ILE B 198 -26.67 -8.68 40.17
N THR B 199 -26.47 -9.17 38.94
CA THR B 199 -25.15 -9.52 38.48
C THR B 199 -24.76 -8.88 37.16
N CYS B 200 -23.48 -8.52 37.07
CA CYS B 200 -22.91 -7.93 35.88
C CYS B 200 -22.13 -9.02 35.13
N ASN B 201 -22.65 -9.42 33.96
CA ASN B 201 -22.01 -10.47 33.16
C ASN B 201 -21.21 -9.85 32.04
N VAL B 202 -19.89 -9.99 32.11
CA VAL B 202 -19.02 -9.43 31.10
C VAL B 202 -18.20 -10.51 30.40
N ALA B 203 -18.11 -10.41 29.09
CA ALA B 203 -17.36 -11.37 28.29
C ALA B 203 -16.40 -10.65 27.36
N HIS B 204 -15.22 -11.21 27.19
CA HIS B 204 -14.21 -10.63 26.32
C HIS B 204 -13.73 -11.74 25.41
N PRO B 205 -14.49 -12.04 24.35
CA PRO B 205 -14.18 -13.10 23.38
C PRO B 205 -12.71 -13.32 23.02
N ALA B 206 -12.02 -12.25 22.62
CA ALA B 206 -10.62 -12.35 22.22
C ALA B 206 -9.75 -13.12 23.22
N SER B 207 -10.10 -13.02 24.50
CA SER B 207 -9.32 -13.71 25.54
C SER B 207 -10.09 -14.87 26.17
N SER B 208 -11.14 -15.31 25.48
CA SER B 208 -11.98 -16.41 25.97
C SER B 208 -12.32 -16.12 27.43
N THR B 209 -12.85 -14.92 27.67
CA THR B 209 -13.21 -14.49 29.02
C THR B 209 -14.71 -14.31 29.18
N GLN B 210 -15.22 -14.92 30.23
CA GLN B 210 -16.63 -14.85 30.57
C GLN B 210 -16.71 -14.81 32.09
N VAL B 211 -16.77 -13.60 32.64
CA VAL B 211 -16.83 -13.43 34.08
C VAL B 211 -18.17 -12.83 34.51
N ASP B 212 -18.56 -13.15 35.73
CA ASP B 212 -19.80 -12.63 36.30
C ASP B 212 -19.44 -12.07 37.67
N LYS B 213 -20.03 -10.93 38.01
CA LYS B 213 -19.77 -10.26 39.28
C LYS B 213 -21.07 -9.85 39.89
N LYS B 214 -21.39 -10.39 41.05
CA LYS B 214 -22.61 -10.01 41.73
C LYS B 214 -22.34 -8.73 42.53
N ILE B 215 -23.28 -7.78 42.49
CA ILE B 215 -23.11 -6.54 43.25
C ILE B 215 -23.67 -6.72 44.66
N GLU B 216 -22.79 -6.64 45.65
CA GLU B 216 -23.17 -6.80 47.05
C GLU B 216 -23.09 -5.49 47.78
N PRO B 217 -23.97 -5.29 48.78
CA PRO B 217 -23.95 -4.05 49.55
C PRO B 217 -22.59 -3.93 50.27
N ARG B 218 -22.04 -2.73 50.35
CA ARG B 218 -20.75 -2.51 51.02
C ARG B 218 -20.89 -2.66 52.53
N GLY B 219 -20.24 -1.76 53.26
CA GLY B 219 -20.31 -1.78 54.71
C GLY B 219 -19.53 -2.89 55.40
N PRO B 220 -19.05 -2.64 56.63
CA PRO B 220 -18.28 -3.62 57.43
C PRO B 220 -19.01 -4.96 57.45
N ASP C 1 3.48 -24.71 -2.65
CA ASP C 1 4.52 -23.75 -3.11
C ASP C 1 4.02 -22.35 -2.87
N VAL C 2 4.83 -21.55 -2.18
CA VAL C 2 4.46 -20.17 -1.88
C VAL C 2 5.02 -19.23 -2.95
N LEU C 3 4.12 -18.58 -3.68
CA LEU C 3 4.52 -17.65 -4.73
C LEU C 3 4.57 -16.24 -4.18
N MET C 4 5.69 -15.57 -4.38
CA MET C 4 5.89 -14.20 -3.92
C MET C 4 5.54 -13.25 -5.04
N THR C 5 4.71 -12.26 -4.75
CA THR C 5 4.30 -11.30 -5.77
C THR C 5 4.67 -9.86 -5.42
N GLN C 6 5.41 -9.23 -6.33
CA GLN C 6 5.85 -7.86 -6.15
C GLN C 6 5.16 -6.87 -7.07
N THR C 7 4.84 -5.71 -6.51
CA THR C 7 4.16 -4.62 -7.22
C THR C 7 4.59 -3.24 -6.73
N PRO C 8 4.72 -2.27 -7.65
CA PRO C 8 4.47 -2.48 -9.08
C PRO C 8 5.77 -3.04 -9.64
N LEU C 9 5.81 -3.42 -10.92
CA LEU C 9 7.07 -3.93 -11.45
C LEU C 9 8.02 -2.75 -11.72
N SER C 10 7.48 -1.55 -11.65
CA SER C 10 8.24 -0.33 -11.89
C SER C 10 7.70 0.82 -11.05
N LEU C 11 8.54 1.37 -10.20
CA LEU C 11 8.13 2.46 -9.34
C LEU C 11 8.86 3.76 -9.63
N PRO C 12 8.21 4.65 -10.40
CA PRO C 12 8.80 5.94 -10.75
C PRO C 12 8.80 6.79 -9.48
N VAL C 13 9.96 7.32 -9.13
CA VAL C 13 10.06 8.13 -7.92
C VAL C 13 11.01 9.31 -8.13
N SER C 14 10.85 10.33 -7.30
CA SER C 14 11.72 11.49 -7.37
C SER C 14 12.65 11.32 -6.18
N LEU C 15 13.87 11.81 -6.30
CA LEU C 15 14.82 11.72 -5.21
C LEU C 15 14.30 12.46 -3.97
N GLY C 16 14.52 11.87 -2.81
CA GLY C 16 14.07 12.48 -1.57
C GLY C 16 12.72 11.95 -1.14
N ASP C 17 12.11 11.13 -1.99
CA ASP C 17 10.80 10.56 -1.70
C ASP C 17 10.82 9.39 -0.71
N GLN C 18 9.80 9.32 0.13
CA GLN C 18 9.65 8.24 1.09
C GLN C 18 8.87 7.19 0.32
N VAL C 19 9.48 6.04 0.07
CA VAL C 19 8.81 5.00 -0.70
C VAL C 19 8.57 3.67 0.02
N SER C 20 7.51 2.98 -0.42
CA SER C 20 7.15 1.68 0.11
C SER C 20 7.01 0.75 -1.09
N ILE C 21 7.64 -0.41 -1.02
CA ILE C 21 7.58 -1.41 -2.08
C ILE C 21 6.88 -2.60 -1.44
N PHE C 22 5.90 -3.16 -2.13
CA PHE C 22 5.17 -4.27 -1.57
C PHE C 22 5.44 -5.65 -2.17
N CYS C 23 5.17 -6.66 -1.35
CA CYS C 23 5.40 -8.04 -1.69
C CYS C 23 4.37 -8.94 -0.97
N THR C 24 3.65 -9.77 -1.71
CA THR C 24 2.67 -10.67 -1.08
C THR C 24 2.93 -12.15 -1.33
N SER C 25 2.69 -12.96 -0.30
CA SER C 25 2.86 -14.40 -0.39
C SER C 25 1.49 -14.99 -0.73
N SER C 26 1.49 -16.06 -1.54
CA SER C 26 0.23 -16.70 -1.91
C SER C 26 -0.43 -17.41 -0.74
N GLN C 27 0.24 -17.41 0.42
CA GLN C 27 -0.22 -18.04 1.65
C GLN C 27 0.75 -17.64 2.74
N THR C 28 0.45 -17.97 4.00
CA THR C 28 1.34 -17.59 5.10
C THR C 28 2.76 -18.17 4.99
N ILE C 29 3.72 -17.41 5.50
CA ILE C 29 5.10 -17.82 5.47
C ILE C 29 5.76 -17.79 6.84
N VAL C 30 5.32 -18.69 7.72
CA VAL C 30 5.92 -18.78 9.05
C VAL C 30 6.60 -20.16 9.10
N HIS C 31 7.87 -20.16 9.47
CA HIS C 31 8.63 -21.40 9.57
C HIS C 31 8.04 -22.12 10.76
N THR C 32 8.37 -23.39 10.95
CA THR C 32 7.83 -24.12 12.07
C THR C 32 8.46 -23.70 13.39
N ASN C 33 9.57 -22.97 13.30
CA ASN C 33 10.26 -22.48 14.50
C ASN C 33 9.76 -21.10 14.88
N GLY C 34 8.64 -20.72 14.30
CA GLY C 34 8.02 -19.45 14.60
C GLY C 34 8.48 -18.26 13.81
N ASN C 35 9.62 -18.38 13.15
CA ASN C 35 10.16 -17.26 12.39
C ASN C 35 9.70 -17.11 10.95
N THR C 36 9.57 -15.86 10.54
CA THR C 36 9.17 -15.54 9.18
C THR C 36 10.44 -15.08 8.47
N TYR C 37 10.95 -15.93 7.58
CA TYR C 37 12.16 -15.63 6.83
C TYR C 37 11.90 -14.86 5.55
N LEU C 38 11.42 -13.63 5.69
CA LEU C 38 11.18 -12.81 4.51
C LEU C 38 12.31 -11.80 4.45
N GLU C 39 13.08 -11.86 3.37
CA GLU C 39 14.23 -10.99 3.15
C GLU C 39 14.01 -10.08 1.95
N TRP C 40 14.72 -8.96 1.91
CA TRP C 40 14.68 -8.02 0.79
C TRP C 40 16.08 -7.89 0.25
N TYR C 41 16.20 -7.78 -1.06
CA TYR C 41 17.49 -7.63 -1.74
C TYR C 41 17.46 -6.48 -2.73
N LEU C 42 18.59 -5.79 -2.86
CA LEU C 42 18.68 -4.72 -3.83
C LEU C 42 19.76 -5.11 -4.83
N GLN C 43 19.40 -5.21 -6.11
CA GLN C 43 20.39 -5.52 -7.12
C GLN C 43 20.70 -4.21 -7.84
N LYS C 44 21.95 -3.76 -7.68
CA LYS C 44 22.42 -2.51 -8.28
C LYS C 44 22.91 -2.78 -9.70
N PRO C 45 22.47 -1.97 -10.67
CA PRO C 45 22.92 -2.19 -12.04
C PRO C 45 24.40 -2.57 -12.14
N GLY C 46 24.67 -3.73 -12.72
CA GLY C 46 26.06 -4.16 -12.87
C GLY C 46 26.58 -5.04 -11.76
N GLN C 47 26.03 -4.92 -10.56
CA GLN C 47 26.48 -5.74 -9.43
C GLN C 47 25.52 -6.87 -9.13
N SER C 48 25.82 -7.63 -8.08
CA SER C 48 24.97 -8.74 -7.69
C SER C 48 24.00 -8.29 -6.58
N PRO C 49 22.98 -9.11 -6.29
CA PRO C 49 22.02 -8.75 -5.23
C PRO C 49 22.67 -8.63 -3.85
N LYS C 50 22.22 -7.65 -3.07
CA LYS C 50 22.76 -7.45 -1.71
C LYS C 50 21.64 -7.38 -0.67
N LEU C 51 21.87 -8.08 0.44
CA LEU C 51 20.93 -8.14 1.55
C LEU C 51 20.63 -6.78 2.20
N LEU C 52 19.35 -6.44 2.29
CA LEU C 52 18.95 -5.19 2.91
C LEU C 52 18.27 -5.49 4.23
N ILE C 53 17.22 -6.31 4.19
CA ILE C 53 16.45 -6.68 5.38
C ILE C 53 16.23 -8.19 5.48
N TYR C 54 16.36 -8.74 6.69
CA TYR C 54 16.10 -10.18 6.91
C TYR C 54 15.01 -10.36 7.98
N LYS C 55 14.38 -11.54 7.98
CA LYS C 55 13.29 -11.86 8.92
C LYS C 55 12.29 -10.71 9.08
N VAL C 56 11.77 -10.26 7.94
CA VAL C 56 10.78 -9.20 7.85
C VAL C 56 11.23 -7.79 8.26
N SER C 57 11.80 -7.64 9.45
CA SER C 57 12.17 -6.30 9.90
C SER C 57 13.58 -6.02 10.40
N ASN C 58 14.53 -6.90 10.11
CA ASN C 58 15.90 -6.67 10.58
C ASN C 58 16.84 -6.09 9.52
N ARG C 59 17.31 -4.87 9.75
CA ARG C 59 18.23 -4.22 8.83
C ARG C 59 19.60 -4.86 9.01
N PHE C 60 20.12 -5.42 7.92
CA PHE C 60 21.40 -6.08 7.95
C PHE C 60 22.47 -5.01 8.25
N SER C 61 23.57 -5.41 8.87
CA SER C 61 24.64 -4.48 9.21
C SER C 61 25.22 -3.82 7.97
N GLY C 62 25.51 -2.52 8.07
CA GLY C 62 26.09 -1.77 6.96
C GLY C 62 25.06 -1.15 6.03
N VAL C 63 23.80 -1.53 6.23
CA VAL C 63 22.72 -1.01 5.42
C VAL C 63 22.26 0.34 5.97
N PRO C 64 22.05 1.33 5.08
CA PRO C 64 21.61 2.68 5.47
C PRO C 64 20.36 2.64 6.35
N ASP C 65 20.24 3.62 7.23
CA ASP C 65 19.12 3.69 8.15
C ASP C 65 17.80 4.09 7.52
N ARG C 66 17.82 4.46 6.25
CA ARG C 66 16.59 4.86 5.56
C ARG C 66 15.79 3.66 5.07
N PHE C 67 16.40 2.48 5.13
CA PHE C 67 15.76 1.23 4.73
C PHE C 67 15.18 0.52 5.96
N SER C 68 13.94 0.05 5.82
CA SER C 68 13.28 -0.66 6.89
C SER C 68 12.29 -1.67 6.32
N GLY C 69 11.92 -2.65 7.13
CA GLY C 69 10.98 -3.65 6.68
C GLY C 69 9.92 -3.94 7.72
N SER C 70 8.76 -4.37 7.26
CA SER C 70 7.65 -4.68 8.14
C SER C 70 6.70 -5.56 7.35
N GLY C 71 5.66 -6.04 8.00
CA GLY C 71 4.70 -6.89 7.33
C GLY C 71 4.20 -7.98 8.27
N SER C 72 3.20 -8.72 7.81
CA SER C 72 2.60 -9.78 8.59
C SER C 72 1.69 -10.61 7.69
N GLY C 73 1.36 -11.83 8.11
CA GLY C 73 0.49 -12.67 7.31
C GLY C 73 0.97 -12.92 5.89
N THR C 74 0.52 -12.09 4.95
CA THR C 74 0.89 -12.25 3.56
C THR C 74 1.29 -10.93 2.89
N ASP C 75 1.43 -9.87 3.68
CA ASP C 75 1.80 -8.56 3.15
C ASP C 75 3.01 -8.04 3.88
N PHE C 76 4.06 -7.81 3.10
CA PHE C 76 5.32 -7.31 3.65
C PHE C 76 5.69 -6.09 2.88
N THR C 77 6.34 -5.15 3.56
CA THR C 77 6.70 -3.90 2.93
C THR C 77 8.13 -3.46 3.17
N LEU C 78 8.71 -2.85 2.14
CA LEU C 78 10.04 -2.32 2.23
C LEU C 78 9.89 -0.80 2.16
N LYS C 79 10.53 -0.10 3.09
CA LYS C 79 10.46 1.35 3.14
C LYS C 79 11.84 1.99 2.96
N ILE C 80 11.84 3.12 2.26
CA ILE C 80 13.04 3.92 2.02
C ILE C 80 12.52 5.30 2.39
N SER C 81 12.91 5.79 3.56
CA SER C 81 12.43 7.08 4.08
C SER C 81 12.77 8.30 3.22
N ARG C 82 13.90 8.24 2.53
CA ARG C 82 14.35 9.33 1.67
C ARG C 82 15.26 8.71 0.62
N VAL C 83 14.76 8.57 -0.60
CA VAL C 83 15.50 7.97 -1.70
C VAL C 83 16.71 8.78 -2.20
N GLU C 84 17.81 8.05 -2.41
CA GLU C 84 19.07 8.60 -2.90
C GLU C 84 19.25 8.09 -4.32
N THR C 85 20.28 8.58 -5.00
CA THR C 85 20.51 8.13 -6.37
C THR C 85 21.07 6.73 -6.30
N GLU C 86 21.70 6.40 -5.17
CA GLU C 86 22.27 5.07 -5.01
C GLU C 86 21.27 3.96 -4.75
N ASP C 87 20.05 4.33 -4.37
CA ASP C 87 19.02 3.35 -4.09
C ASP C 87 18.33 2.83 -5.35
N LEU C 88 18.58 3.48 -6.49
CA LEU C 88 17.96 3.06 -7.74
C LEU C 88 18.43 1.66 -8.16
N GLY C 89 17.48 0.88 -8.68
CA GLY C 89 17.76 -0.47 -9.10
C GLY C 89 16.54 -1.32 -8.81
N ILE C 90 16.71 -2.63 -8.89
CA ILE C 90 15.61 -3.54 -8.65
C ILE C 90 15.64 -4.15 -7.24
N TYR C 91 14.45 -4.24 -6.65
CA TYR C 91 14.29 -4.79 -5.31
C TYR C 91 13.60 -6.13 -5.39
N TYR C 92 14.13 -7.11 -4.66
CA TYR C 92 13.57 -8.44 -4.65
C TYR C 92 13.23 -8.88 -3.24
N CYS C 93 12.04 -9.45 -3.06
CA CYS C 93 11.67 -9.96 -1.76
C CYS C 93 11.85 -11.46 -1.90
N PHE C 94 11.90 -12.17 -0.79
CA PHE C 94 12.13 -13.61 -0.83
C PHE C 94 11.70 -14.29 0.46
N GLN C 95 10.95 -15.39 0.36
CA GLN C 95 10.54 -16.13 1.55
C GLN C 95 11.30 -17.46 1.62
N GLY C 96 11.85 -17.77 2.80
CA GLY C 96 12.58 -19.01 2.97
C GLY C 96 11.95 -19.83 4.07
N SER C 97 10.72 -19.47 4.42
CA SER C 97 9.97 -20.15 5.45
C SER C 97 9.47 -21.53 5.05
N HIS C 98 9.19 -21.72 3.75
CA HIS C 98 8.72 -23.00 3.25
C HIS C 98 9.46 -23.39 1.97
N PHE C 99 9.57 -24.68 1.71
CA PHE C 99 10.21 -25.14 0.49
C PHE C 99 9.16 -25.44 -0.57
N PRO C 100 9.43 -25.07 -1.84
CA PRO C 100 10.64 -24.40 -2.33
C PRO C 100 10.73 -22.91 -2.00
N LEU C 101 11.95 -22.44 -1.70
CA LEU C 101 12.23 -21.04 -1.37
C LEU C 101 11.79 -20.20 -2.57
N ALA C 102 11.04 -19.13 -2.31
CA ALA C 102 10.50 -18.29 -3.37
C ALA C 102 10.92 -16.84 -3.47
N PHE C 103 11.34 -16.45 -4.66
CA PHE C 103 11.75 -15.08 -4.94
C PHE C 103 10.57 -14.33 -5.58
N GLY C 104 10.55 -13.01 -5.41
CA GLY C 104 9.52 -12.19 -6.02
C GLY C 104 10.09 -11.76 -7.36
N ALA C 105 9.22 -11.34 -8.28
CA ALA C 105 9.65 -10.93 -9.61
C ALA C 105 10.55 -9.69 -9.61
N GLY C 106 10.44 -8.90 -8.56
CA GLY C 106 11.24 -7.69 -8.44
C GLY C 106 10.47 -6.44 -8.81
N THR C 107 10.90 -5.32 -8.23
CA THR C 107 10.32 -4.01 -8.46
C THR C 107 11.48 -3.07 -8.80
N LYS C 108 11.42 -2.47 -9.98
CA LYS C 108 12.51 -1.60 -10.37
C LYS C 108 12.25 -0.19 -9.85
N LEU C 109 13.23 0.36 -9.16
CA LEU C 109 13.12 1.70 -8.62
C LEU C 109 13.68 2.63 -9.69
N GLU C 110 12.81 3.41 -10.32
CA GLU C 110 13.24 4.31 -11.38
C GLU C 110 12.87 5.76 -11.13
N LEU C 111 13.54 6.65 -11.85
CA LEU C 111 13.32 8.08 -11.71
C LEU C 111 12.20 8.66 -12.55
N LYS C 112 11.45 9.55 -11.89
CA LYS C 112 10.32 10.25 -12.46
C LYS C 112 10.85 11.51 -13.16
N ARG C 113 10.20 11.87 -14.27
CA ARG C 113 10.58 13.07 -15.04
C ARG C 113 9.38 13.56 -15.83
N ALA C 114 9.60 14.55 -16.69
CA ALA C 114 8.50 15.10 -17.49
C ALA C 114 8.25 14.23 -18.70
N ASP C 115 6.98 14.10 -19.08
CA ASP C 115 6.60 13.30 -20.24
C ASP C 115 7.48 13.72 -21.42
N ALA C 116 7.70 12.79 -22.34
CA ALA C 116 8.51 13.08 -23.50
C ALA C 116 8.07 12.17 -24.62
N ALA C 117 7.49 12.76 -25.66
CA ALA C 117 7.05 11.97 -26.80
C ALA C 117 8.28 11.30 -27.43
N PRO C 118 8.07 10.10 -28.00
CA PRO C 118 9.19 9.40 -28.62
C PRO C 118 9.48 9.93 -30.02
N THR C 119 10.69 9.69 -30.48
CA THR C 119 11.09 10.11 -31.82
C THR C 119 11.07 8.82 -32.62
N VAL C 120 10.12 8.70 -33.53
CA VAL C 120 9.99 7.50 -34.34
C VAL C 120 10.74 7.64 -35.65
N SER C 121 11.68 6.71 -35.89
CA SER C 121 12.48 6.67 -37.10
C SER C 121 12.29 5.29 -37.73
N ILE C 122 11.92 5.25 -39.01
CA ILE C 122 11.69 4.00 -39.72
C ILE C 122 12.74 3.76 -40.80
N PHE C 123 13.28 2.55 -40.85
CA PHE C 123 14.35 2.23 -41.80
C PHE C 123 14.12 0.94 -42.60
N PRO C 124 14.03 1.06 -43.93
CA PRO C 124 13.81 -0.09 -44.83
C PRO C 124 15.01 -1.05 -44.84
N PRO C 125 14.84 -2.21 -45.49
CA PRO C 125 15.94 -3.17 -45.55
C PRO C 125 17.16 -2.57 -46.27
N SER C 126 18.35 -2.86 -45.77
CA SER C 126 19.55 -2.33 -46.41
C SER C 126 19.68 -3.02 -47.76
N SER C 127 20.37 -2.37 -48.68
CA SER C 127 20.56 -2.95 -50.01
C SER C 127 21.40 -4.22 -49.86
N GLU C 128 22.29 -4.20 -48.87
CA GLU C 128 23.17 -5.33 -48.59
C GLU C 128 22.37 -6.53 -48.10
N GLN C 129 21.42 -6.28 -47.21
CA GLN C 129 20.61 -7.35 -46.66
C GLN C 129 19.77 -8.03 -47.73
N LEU C 130 19.29 -7.22 -48.68
CA LEU C 130 18.47 -7.71 -49.78
C LEU C 130 19.23 -8.72 -50.67
N THR C 131 20.48 -8.41 -50.98
CA THR C 131 21.30 -9.28 -51.81
C THR C 131 21.45 -10.65 -51.14
N SER C 132 21.61 -10.65 -49.82
CA SER C 132 21.74 -11.89 -49.06
C SER C 132 20.39 -12.60 -49.05
N GLY C 133 19.37 -11.92 -49.58
CA GLY C 133 18.04 -12.50 -49.65
C GLY C 133 17.17 -12.28 -48.44
N GLY C 134 17.37 -11.17 -47.74
CA GLY C 134 16.57 -10.89 -46.55
C GLY C 134 16.03 -9.48 -46.50
N ALA C 135 15.15 -9.22 -45.54
CA ALA C 135 14.58 -7.89 -45.36
C ALA C 135 14.10 -7.61 -43.93
N SER C 136 14.86 -6.78 -43.20
CA SER C 136 14.49 -6.44 -41.85
C SER C 136 14.16 -4.94 -41.81
N VAL C 137 12.96 -4.61 -41.35
CA VAL C 137 12.55 -3.22 -41.24
C VAL C 137 12.62 -2.84 -39.77
N VAL C 138 13.52 -1.92 -39.46
CA VAL C 138 13.71 -1.49 -38.10
C VAL C 138 13.05 -0.14 -37.85
N CYS C 139 12.65 0.08 -36.60
CA CYS C 139 12.01 1.32 -36.24
C CYS C 139 12.39 1.66 -34.79
N PHE C 140 12.97 2.83 -34.61
CA PHE C 140 13.41 3.29 -33.30
C PHE C 140 12.45 4.30 -32.67
N LEU C 141 11.99 3.97 -31.47
CA LEU C 141 11.12 4.86 -30.67
C LEU C 141 12.06 5.32 -29.54
N ASN C 142 12.65 6.49 -29.73
CA ASN C 142 13.63 7.01 -28.79
C ASN C 142 13.25 8.12 -27.82
N ASN C 143 14.01 8.16 -26.73
CA ASN C 143 13.87 9.14 -25.66
C ASN C 143 12.44 9.58 -25.33
N PHE C 144 11.63 8.64 -24.85
CA PHE C 144 10.25 8.93 -24.47
C PHE C 144 10.04 8.67 -22.98
N TYR C 145 8.94 9.21 -22.46
CA TYR C 145 8.61 9.04 -21.06
C TYR C 145 7.14 9.38 -20.83
N PRO C 146 6.41 8.60 -20.00
CA PRO C 146 6.81 7.40 -19.23
C PRO C 146 7.28 6.21 -20.07
N LYS C 147 7.67 5.12 -19.43
CA LYS C 147 8.17 3.95 -20.17
C LYS C 147 7.15 3.09 -20.93
N ASP C 148 5.87 3.32 -20.70
CA ASP C 148 4.82 2.52 -21.36
C ASP C 148 4.56 2.94 -22.80
N ILE C 149 4.73 2.00 -23.73
CA ILE C 149 4.52 2.30 -25.16
C ILE C 149 4.12 1.07 -25.96
N ASN C 150 3.46 1.31 -27.10
CA ASN C 150 2.98 0.26 -28.02
C ASN C 150 3.44 0.53 -29.46
N VAL C 151 4.11 -0.43 -30.07
CA VAL C 151 4.56 -0.25 -31.44
C VAL C 151 3.76 -1.20 -32.36
N LYS C 152 3.09 -0.62 -33.36
CA LYS C 152 2.28 -1.37 -34.33
C LYS C 152 2.82 -1.29 -35.76
N TRP C 153 2.92 -2.45 -36.43
CA TRP C 153 3.39 -2.48 -37.82
C TRP C 153 2.22 -2.74 -38.80
N LYS C 154 2.24 -2.08 -39.94
CA LYS C 154 1.19 -2.22 -40.97
C LYS C 154 1.79 -2.28 -42.36
N ILE C 155 1.72 -3.43 -43.01
CA ILE C 155 2.27 -3.59 -44.36
C ILE C 155 1.16 -3.46 -45.42
N ASP C 156 1.10 -2.30 -46.05
CA ASP C 156 0.08 -2.00 -47.07
C ASP C 156 -1.25 -1.71 -46.37
N GLY C 157 -1.17 -1.03 -45.23
CA GLY C 157 -2.34 -0.67 -44.46
C GLY C 157 -2.81 -1.71 -43.47
N SER C 158 -2.46 -2.98 -43.73
CA SER C 158 -2.86 -4.10 -42.89
C SER C 158 -1.84 -4.37 -41.79
N GLU C 159 -2.33 -4.49 -40.56
CA GLU C 159 -1.46 -4.75 -39.42
C GLU C 159 -0.75 -6.11 -39.48
N ARG C 160 0.57 -6.08 -39.32
CA ARG C 160 1.38 -7.28 -39.35
C ARG C 160 2.05 -7.53 -37.99
N GLN C 161 1.28 -8.12 -37.09
CA GLN C 161 1.73 -8.43 -35.72
C GLN C 161 2.38 -9.81 -35.62
N ASN C 162 3.32 -10.10 -36.51
CA ASN C 162 4.00 -11.39 -36.49
C ASN C 162 5.43 -11.30 -37.03
N GLY C 163 6.37 -11.90 -36.29
CA GLY C 163 7.78 -11.91 -36.67
C GLY C 163 8.55 -10.62 -36.36
N VAL C 164 8.16 -9.96 -35.27
CA VAL C 164 8.77 -8.71 -34.85
C VAL C 164 9.61 -8.87 -33.57
N LEU C 165 10.84 -8.37 -33.59
CA LEU C 165 11.72 -8.43 -32.42
C LEU C 165 11.84 -7.05 -31.76
N ASN C 166 11.53 -6.99 -30.47
CA ASN C 166 11.58 -5.74 -29.72
C ASN C 166 12.56 -5.77 -28.54
N SER C 167 13.37 -4.73 -28.46
CA SER C 167 14.34 -4.58 -27.38
C SER C 167 14.14 -3.20 -26.76
N TRP C 168 14.41 -3.07 -25.48
CA TRP C 168 14.25 -1.80 -24.78
C TRP C 168 15.51 -1.40 -24.04
N THR C 169 15.72 -0.10 -23.87
CA THR C 169 16.90 0.36 -23.16
C THR C 169 16.53 0.66 -21.70
N ASP C 170 17.53 0.58 -20.83
CA ASP C 170 17.29 0.90 -19.44
C ASP C 170 17.22 2.42 -19.41
N GLN C 171 16.41 2.96 -18.49
CA GLN C 171 16.25 4.41 -18.37
C GLN C 171 17.61 5.08 -18.54
N ASP C 172 17.65 6.13 -19.36
CA ASP C 172 18.89 6.87 -19.62
C ASP C 172 19.37 7.53 -18.34
N SER C 173 20.63 7.29 -17.99
CA SER C 173 21.19 7.87 -16.78
C SER C 173 21.38 9.38 -16.93
N LYS C 174 21.28 9.88 -18.16
CA LYS C 174 21.44 11.30 -18.43
C LYS C 174 20.11 12.06 -18.39
N ASP C 175 19.27 11.89 -19.40
CA ASP C 175 17.97 12.57 -19.45
C ASP C 175 16.82 11.85 -18.73
N SER C 176 17.03 10.58 -18.39
CA SER C 176 16.02 9.79 -17.69
C SER C 176 14.83 9.36 -18.54
N THR C 177 15.07 9.15 -19.83
CA THR C 177 14.03 8.72 -20.75
C THR C 177 14.30 7.26 -21.16
N TYR C 178 13.45 6.73 -22.02
CA TYR C 178 13.60 5.36 -22.49
C TYR C 178 13.67 5.36 -24.01
N SER C 179 14.18 4.27 -24.56
CA SER C 179 14.29 4.10 -26.00
C SER C 179 13.97 2.66 -26.28
N MET C 180 13.60 2.38 -27.52
CA MET C 180 13.28 1.01 -27.88
C MET C 180 13.41 0.78 -29.38
N SER C 181 13.92 -0.39 -29.74
CA SER C 181 14.05 -0.75 -31.15
C SER C 181 13.04 -1.86 -31.39
N SER C 182 12.36 -1.78 -32.54
CA SER C 182 11.36 -2.74 -32.95
C SER C 182 11.78 -3.20 -34.37
N THR C 183 12.20 -4.45 -34.50
CA THR C 183 12.63 -4.92 -35.82
C THR C 183 11.73 -5.97 -36.48
N LEU C 184 11.12 -5.57 -37.60
CA LEU C 184 10.27 -6.46 -38.36
C LEU C 184 11.21 -7.15 -39.38
N THR C 185 11.15 -8.47 -39.43
CA THR C 185 11.96 -9.23 -40.36
C THR C 185 11.10 -10.05 -41.34
N LEU C 186 11.39 -9.91 -42.63
CA LEU C 186 10.67 -10.63 -43.68
C LEU C 186 11.68 -11.28 -44.64
N THR C 187 11.23 -11.58 -45.86
CA THR C 187 12.11 -12.18 -46.87
C THR C 187 12.12 -11.28 -48.11
N LYS C 188 13.28 -11.18 -48.76
CA LYS C 188 13.46 -10.35 -49.96
C LYS C 188 12.26 -10.45 -50.89
N ASP C 189 11.75 -11.66 -51.08
CA ASP C 189 10.59 -11.86 -51.94
C ASP C 189 9.34 -11.30 -51.29
N GLU C 190 9.09 -11.69 -50.04
CA GLU C 190 7.91 -11.23 -49.30
C GLU C 190 7.95 -9.71 -49.18
N TYR C 191 9.13 -9.17 -48.90
CA TYR C 191 9.32 -7.75 -48.78
C TYR C 191 9.02 -7.04 -50.11
N GLU C 192 9.41 -7.67 -51.23
CA GLU C 192 9.19 -7.10 -52.56
C GLU C 192 7.72 -7.17 -52.98
N ARG C 193 6.96 -7.98 -52.26
CA ARG C 193 5.54 -8.22 -52.51
C ARG C 193 4.68 -7.05 -52.02
N HIS C 194 5.26 -6.20 -51.17
CA HIS C 194 4.52 -5.07 -50.62
C HIS C 194 5.20 -3.75 -50.97
N ASN C 195 4.55 -2.65 -50.59
CA ASN C 195 5.07 -1.33 -50.89
C ASN C 195 5.07 -0.44 -49.65
N SER C 196 3.96 -0.45 -48.91
CA SER C 196 3.88 0.38 -47.71
C SER C 196 4.27 -0.32 -46.41
N TYR C 197 5.26 0.28 -45.74
CA TYR C 197 5.75 -0.22 -44.48
C TYR C 197 5.54 0.90 -43.48
N THR C 198 4.75 0.59 -42.44
CA THR C 198 4.41 1.58 -41.42
C THR C 198 4.71 1.21 -39.97
N CYS C 199 5.21 2.18 -39.23
CA CYS C 199 5.55 2.02 -37.82
C CYS C 199 4.77 3.03 -36.96
N GLU C 200 3.74 2.54 -36.25
CA GLU C 200 2.91 3.40 -35.40
C GLU C 200 3.18 3.21 -33.91
N ALA C 201 3.41 4.32 -33.21
CA ALA C 201 3.68 4.29 -31.77
C ALA C 201 2.53 4.87 -30.95
N THR C 202 2.07 4.08 -29.99
CA THR C 202 0.99 4.50 -29.10
C THR C 202 1.59 4.84 -27.73
N HIS C 203 1.85 6.13 -27.57
CA HIS C 203 2.43 6.69 -26.34
C HIS C 203 1.42 7.66 -25.75
N LYS C 204 1.29 7.62 -24.43
CA LYS C 204 0.35 8.45 -23.72
C LYS C 204 0.52 9.98 -23.87
N THR C 205 1.42 10.44 -24.73
CA THR C 205 1.69 11.89 -24.91
C THR C 205 1.20 12.65 -26.16
N SER C 206 0.57 11.97 -27.12
CA SER C 206 0.05 12.62 -28.33
C SER C 206 -1.14 11.84 -28.89
N THR C 207 -2.33 12.22 -28.45
CA THR C 207 -3.59 11.60 -28.86
C THR C 207 -3.50 10.36 -29.76
N SER C 208 -3.20 10.56 -31.04
CA SER C 208 -3.10 9.45 -32.00
C SER C 208 -1.69 8.87 -32.13
N PRO C 209 -1.57 7.57 -32.55
CA PRO C 209 -0.25 6.96 -32.71
C PRO C 209 0.68 7.76 -33.61
N ILE C 210 1.95 7.77 -33.26
CA ILE C 210 2.96 8.48 -34.05
C ILE C 210 3.31 7.58 -35.22
N VAL C 211 2.98 8.01 -36.43
CA VAL C 211 3.23 7.21 -37.62
C VAL C 211 4.36 7.66 -38.53
N LYS C 212 5.21 6.71 -38.88
CA LYS C 212 6.35 6.91 -39.78
C LYS C 212 6.31 5.78 -40.78
N SER C 213 6.36 6.11 -42.08
CA SER C 213 6.30 5.08 -43.10
C SER C 213 7.16 5.35 -44.33
N PHE C 214 7.16 4.40 -45.25
CA PHE C 214 7.90 4.51 -46.50
C PHE C 214 7.40 3.53 -47.55
N ASN C 215 7.67 3.85 -48.81
CA ASN C 215 7.26 3.00 -49.93
C ASN C 215 8.49 2.41 -50.61
N ARG C 216 8.31 1.24 -51.19
CA ARG C 216 9.40 0.58 -51.89
C ARG C 216 9.50 1.17 -53.29
N ASN C 217 8.76 2.25 -53.54
CA ASN C 217 8.76 2.87 -54.86
C ASN C 217 8.94 4.39 -54.92
N GLU C 218 8.57 5.12 -53.88
CA GLU C 218 8.72 6.56 -53.97
C GLU C 218 9.23 7.30 -52.75
N CYS C 219 10.34 8.01 -52.95
CA CYS C 219 10.93 8.85 -51.91
C CYS C 219 11.42 8.09 -50.68
N GLU D 1 39.01 -11.45 5.15
CA GLU D 1 37.90 -10.99 4.26
C GLU D 1 37.19 -12.17 3.59
N VAL D 2 35.88 -12.27 3.83
CA VAL D 2 35.07 -13.32 3.24
C VAL D 2 35.00 -13.15 1.74
N LYS D 3 35.17 -14.24 1.02
CA LYS D 3 35.11 -14.20 -0.43
C LYS D 3 34.40 -15.43 -0.95
N LEU D 4 33.79 -15.29 -2.12
CA LEU D 4 33.10 -16.38 -2.80
C LEU D 4 33.37 -16.17 -4.28
N VAL D 5 34.15 -17.05 -4.89
CA VAL D 5 34.46 -16.88 -6.31
C VAL D 5 33.99 -18.08 -7.13
N GLU D 6 33.06 -17.83 -8.04
CA GLU D 6 32.52 -18.86 -8.90
C GLU D 6 33.33 -18.97 -10.18
N SER D 7 33.53 -20.22 -10.60
CA SER D 7 34.27 -20.53 -11.81
C SER D 7 33.56 -21.70 -12.47
N GLY D 8 33.93 -22.03 -13.70
CA GLY D 8 33.30 -23.14 -14.39
C GLY D 8 32.21 -22.78 -15.39
N GLY D 9 31.73 -21.55 -15.33
CA GLY D 9 30.69 -21.10 -16.26
C GLY D 9 31.15 -21.14 -17.70
N GLY D 10 30.21 -21.31 -18.63
CA GLY D 10 30.56 -21.37 -20.04
C GLY D 10 29.41 -21.80 -20.93
N LEU D 11 29.71 -22.08 -22.20
CA LEU D 11 28.69 -22.52 -23.14
C LEU D 11 28.59 -24.03 -23.13
N VAL D 12 27.38 -24.53 -22.95
CA VAL D 12 27.11 -25.98 -22.92
C VAL D 12 25.87 -26.33 -23.75
N LYS D 13 26.01 -27.29 -24.67
CA LYS D 13 24.88 -27.68 -25.50
C LYS D 13 23.82 -28.32 -24.62
N PRO D 14 22.54 -28.26 -25.02
CA PRO D 14 21.47 -28.84 -24.20
C PRO D 14 21.76 -30.30 -23.86
N GLY D 15 21.21 -30.76 -22.74
CA GLY D 15 21.42 -32.13 -22.31
C GLY D 15 22.79 -32.30 -21.69
N GLY D 16 23.81 -31.72 -22.33
CA GLY D 16 25.19 -31.81 -21.84
C GLY D 16 25.39 -31.57 -20.34
N SER D 17 26.66 -31.60 -19.91
CA SER D 17 27.02 -31.41 -18.50
C SER D 17 28.08 -30.34 -18.25
N LEU D 18 28.04 -29.75 -17.05
CA LEU D 18 28.96 -28.69 -16.63
C LEU D 18 29.08 -28.67 -15.11
N LYS D 19 30.28 -28.40 -14.62
CA LYS D 19 30.54 -28.35 -13.19
C LYS D 19 30.95 -26.96 -12.77
N LEU D 20 30.23 -26.41 -11.81
CA LEU D 20 30.57 -25.09 -11.30
C LEU D 20 31.24 -25.23 -9.95
N SER D 21 32.21 -24.36 -9.70
CA SER D 21 32.95 -24.36 -8.46
C SER D 21 32.80 -23.00 -7.79
N CYS D 22 33.03 -22.96 -6.48
CA CYS D 22 32.91 -21.74 -5.74
C CYS D 22 33.90 -21.79 -4.58
N ALA D 23 35.03 -21.11 -4.77
CA ALA D 23 36.09 -21.04 -3.76
C ALA D 23 35.72 -19.98 -2.72
N ALA D 24 35.63 -20.42 -1.47
CA ALA D 24 35.27 -19.55 -0.35
C ALA D 24 36.49 -19.20 0.50
N SER D 25 36.41 -18.10 1.23
CA SER D 25 37.49 -17.66 2.10
C SER D 25 36.89 -16.83 3.22
N GLY D 26 37.61 -16.70 4.34
CA GLY D 26 37.12 -15.91 5.45
C GLY D 26 36.27 -16.68 6.45
N PHE D 27 35.81 -17.87 6.05
CA PHE D 27 34.98 -18.71 6.90
C PHE D 27 35.12 -20.19 6.56
N SER D 28 34.36 -21.02 7.28
CA SER D 28 34.34 -22.47 7.09
C SER D 28 32.93 -22.94 6.77
N PHE D 29 32.84 -23.99 5.95
CA PHE D 29 31.53 -24.53 5.59
C PHE D 29 30.85 -25.20 6.78
N ARG D 30 31.63 -25.83 7.66
CA ARG D 30 31.07 -26.50 8.82
C ARG D 30 30.26 -25.56 9.72
N ASN D 31 30.34 -24.27 9.46
CA ASN D 31 29.63 -23.28 10.26
C ASN D 31 28.58 -22.46 9.50
N TYR D 32 28.55 -22.61 8.19
CA TYR D 32 27.61 -21.86 7.36
C TYR D 32 26.87 -22.66 6.31
N GLY D 33 25.62 -22.25 6.07
CA GLY D 33 24.82 -22.90 5.05
C GLY D 33 25.26 -22.28 3.73
N MET D 34 25.15 -23.02 2.66
CA MET D 34 25.60 -22.55 1.36
C MET D 34 24.50 -22.81 0.35
N SER D 35 24.35 -21.91 -0.61
CA SER D 35 23.33 -22.08 -1.61
C SER D 35 23.82 -21.58 -2.96
N TRP D 36 23.07 -21.91 -4.00
CA TRP D 36 23.34 -21.45 -5.35
C TRP D 36 22.02 -20.80 -5.79
N VAL D 37 22.11 -19.61 -6.34
CA VAL D 37 20.93 -18.92 -6.82
C VAL D 37 21.32 -18.43 -8.21
N ARG D 38 20.39 -18.49 -9.15
CA ARG D 38 20.68 -18.06 -10.51
C ARG D 38 19.77 -16.93 -10.99
N GLN D 39 20.34 -15.99 -11.74
CA GLN D 39 19.54 -14.92 -12.29
C GLN D 39 19.48 -15.14 -13.80
N THR D 40 18.28 -15.44 -14.27
CA THR D 40 18.06 -15.70 -15.69
C THR D 40 18.18 -14.40 -16.48
N PRO D 41 18.31 -14.52 -17.82
CA PRO D 41 18.42 -13.36 -18.71
C PRO D 41 17.32 -12.34 -18.49
N GLU D 42 16.12 -12.81 -18.18
CA GLU D 42 15.02 -11.89 -17.92
C GLU D 42 15.13 -11.28 -16.53
N LYS D 43 16.26 -11.51 -15.87
CA LYS D 43 16.53 -10.97 -14.53
C LYS D 43 15.72 -11.56 -13.40
N ARG D 44 15.29 -12.80 -13.56
CA ARG D 44 14.51 -13.45 -12.52
C ARG D 44 15.45 -14.25 -11.63
N LEU D 45 15.23 -14.17 -10.32
CA LEU D 45 16.04 -14.88 -9.35
C LEU D 45 15.40 -16.20 -8.93
N GLU D 46 16.14 -17.30 -9.16
CA GLU D 46 15.69 -18.64 -8.84
C GLU D 46 16.68 -19.37 -7.94
N TRP D 47 16.14 -20.02 -6.93
CA TRP D 47 16.96 -20.79 -6.01
C TRP D 47 17.28 -22.10 -6.72
N VAL D 48 18.52 -22.55 -6.61
CA VAL D 48 18.92 -23.79 -7.27
C VAL D 48 19.10 -24.92 -6.26
N ALA D 49 19.92 -24.67 -5.25
CA ALA D 49 20.19 -25.68 -4.24
C ALA D 49 20.93 -25.11 -3.07
N SER D 50 20.84 -25.78 -1.92
CA SER D 50 21.57 -25.37 -0.71
C SER D 50 21.95 -26.57 0.15
N ILE D 51 23.10 -26.47 0.82
CA ILE D 51 23.61 -27.53 1.69
C ILE D 51 23.90 -26.94 3.07
N SER D 52 23.36 -27.58 4.11
CA SER D 52 23.55 -27.08 5.48
C SER D 52 24.97 -27.22 5.96
N TYR D 53 25.27 -26.57 7.07
CA TYR D 53 26.59 -26.62 7.67
C TYR D 53 26.86 -28.06 8.10
N GLY D 54 25.83 -28.89 8.06
CA GLY D 54 25.96 -30.29 8.46
C GLY D 54 25.82 -31.34 7.36
N GLY D 55 25.60 -30.89 6.13
CA GLY D 55 25.47 -31.81 5.02
C GLY D 55 24.08 -31.94 4.42
N LEU D 56 23.07 -31.39 5.08
CA LEU D 56 21.70 -31.48 4.58
C LEU D 56 21.54 -30.75 3.26
N ILE D 57 20.96 -31.43 2.28
CA ILE D 57 20.78 -30.87 0.96
C ILE D 57 19.33 -30.55 0.63
N TYR D 58 19.11 -29.46 -0.10
CA TYR D 58 17.77 -29.04 -0.48
C TYR D 58 17.74 -28.56 -1.93
N TYR D 59 16.82 -29.13 -2.70
CA TYR D 59 16.64 -28.76 -4.11
C TYR D 59 15.19 -28.46 -4.34
N PRO D 60 14.89 -27.60 -5.34
CA PRO D 60 13.49 -27.32 -5.63
C PRO D 60 13.16 -28.47 -6.60
N ASP D 61 11.90 -28.82 -6.78
CA ASP D 61 11.62 -29.95 -7.68
C ASP D 61 12.16 -29.87 -9.10
N SER D 62 12.20 -28.66 -9.65
CA SER D 62 12.69 -28.49 -11.01
C SER D 62 14.17 -28.84 -11.18
N ILE D 63 14.97 -28.58 -10.15
CA ILE D 63 16.40 -28.89 -10.22
C ILE D 63 16.76 -30.26 -9.65
N LYS D 64 15.94 -30.74 -8.71
CA LYS D 64 16.17 -32.03 -8.07
C LYS D 64 16.39 -33.14 -9.11
N GLY D 65 17.47 -33.90 -8.96
CA GLY D 65 17.74 -34.97 -9.89
C GLY D 65 18.64 -34.61 -11.06
N ARG D 66 18.57 -33.36 -11.52
CA ARG D 66 19.37 -32.88 -12.64
C ARG D 66 20.69 -32.28 -12.17
N PHE D 67 20.65 -31.40 -11.18
CA PHE D 67 21.86 -30.77 -10.64
C PHE D 67 22.21 -31.37 -9.28
N THR D 68 23.46 -31.21 -8.88
CA THR D 68 23.92 -31.75 -7.61
C THR D 68 24.91 -30.81 -6.90
N ILE D 69 24.52 -30.38 -5.70
CA ILE D 69 25.40 -29.54 -4.90
C ILE D 69 26.17 -30.47 -3.99
N SER D 70 27.45 -30.14 -3.84
CA SER D 70 28.35 -30.91 -2.99
C SER D 70 29.27 -29.85 -2.45
N ARG D 71 30.17 -30.24 -1.58
CA ARG D 71 31.13 -29.29 -1.03
C ARG D 71 32.38 -30.01 -0.55
N ASP D 72 33.53 -29.38 -0.77
CA ASP D 72 34.80 -29.90 -0.34
C ASP D 72 35.04 -29.07 0.91
N ILE D 73 34.70 -29.62 2.07
CA ILE D 73 34.88 -28.88 3.30
C ILE D 73 36.35 -28.60 3.55
N ALA D 74 37.19 -29.58 3.25
CA ALA D 74 38.63 -29.46 3.46
C ALA D 74 39.23 -28.29 2.69
N GLN D 75 39.08 -28.29 1.37
CA GLN D 75 39.62 -27.23 0.54
C GLN D 75 38.66 -26.05 0.52
N ASN D 76 37.57 -26.18 1.26
CA ASN D 76 36.51 -25.18 1.35
C ASN D 76 36.03 -24.68 -0.02
N ILE D 77 35.50 -25.60 -0.83
CA ILE D 77 35.00 -25.26 -2.17
C ILE D 77 33.61 -25.87 -2.30
N LEU D 78 32.69 -25.08 -2.87
CA LEU D 78 31.30 -25.52 -3.09
C LEU D 78 31.16 -25.82 -4.55
N TYR D 79 30.38 -26.85 -4.88
CA TYR D 79 30.18 -27.24 -6.26
C TYR D 79 28.72 -27.31 -6.61
N LEU D 80 28.47 -27.40 -7.91
CA LEU D 80 27.13 -27.56 -8.46
C LEU D 80 27.32 -28.28 -9.79
N GLN D 81 27.01 -29.59 -9.78
CA GLN D 81 27.08 -30.43 -10.96
C GLN D 81 25.78 -30.31 -11.75
N MET D 82 25.89 -29.91 -13.01
CA MET D 82 24.73 -29.71 -13.87
C MET D 82 24.66 -30.63 -15.08
N SER D 83 23.49 -31.20 -15.31
CA SER D 83 23.24 -32.11 -16.42
C SER D 83 21.78 -31.93 -16.80
N SER D 84 21.32 -32.65 -17.82
CA SER D 84 19.92 -32.54 -18.24
C SER D 84 19.62 -31.06 -18.48
N LEU D 85 20.63 -30.37 -18.99
CA LEU D 85 20.55 -28.94 -19.25
C LEU D 85 19.64 -28.52 -20.39
N ARG D 86 18.88 -27.47 -20.12
CA ARG D 86 17.95 -26.89 -21.08
C ARG D 86 18.42 -25.44 -21.32
N SER D 87 17.70 -24.68 -22.13
CA SER D 87 18.10 -23.30 -22.37
C SER D 87 17.62 -22.38 -21.24
N GLU D 88 16.59 -22.81 -20.51
CA GLU D 88 16.05 -22.03 -19.40
C GLU D 88 17.02 -22.01 -18.23
N ASP D 89 18.01 -22.91 -18.28
CA ASP D 89 19.02 -23.03 -17.26
C ASP D 89 20.11 -21.98 -17.47
N THR D 90 20.04 -21.30 -18.62
CA THR D 90 20.99 -20.24 -18.95
C THR D 90 20.79 -19.08 -17.99
N ALA D 91 21.78 -18.85 -17.14
CA ALA D 91 21.69 -17.78 -16.18
C ALA D 91 23.05 -17.52 -15.57
N MET D 92 23.10 -16.53 -14.69
CA MET D 92 24.30 -16.17 -13.97
C MET D 92 24.15 -16.94 -12.65
N TYR D 93 25.09 -17.82 -12.36
CA TYR D 93 25.03 -18.63 -11.15
C TYR D 93 25.87 -18.06 -10.03
N HIS D 94 25.24 -17.85 -8.89
CA HIS D 94 25.90 -17.27 -7.73
C HIS D 94 25.92 -18.23 -6.56
N CYS D 95 27.05 -18.32 -5.86
CA CYS D 95 27.06 -19.15 -4.65
C CYS D 95 26.86 -18.14 -3.52
N ILE D 96 26.22 -18.56 -2.45
CA ILE D 96 25.91 -17.64 -1.36
C ILE D 96 26.06 -18.30 -0.01
N ARG D 97 26.55 -17.53 0.95
CA ARG D 97 26.72 -17.99 2.30
C ARG D 97 25.63 -17.33 3.12
N GLY D 98 24.84 -18.14 3.79
CA GLY D 98 23.79 -17.59 4.62
C GLY D 98 24.05 -18.02 6.04
N ASP D 99 23.28 -17.46 6.96
CA ASP D 99 23.39 -17.78 8.37
C ASP D 99 22.22 -18.68 8.75
N SER D 100 22.53 -19.94 9.12
CA SER D 100 21.51 -20.90 9.50
C SER D 100 20.39 -20.32 10.36
N PHE D 101 19.15 -20.61 9.97
CA PHE D 101 17.97 -20.15 10.68
C PHE D 101 17.94 -18.66 11.01
N LEU D 102 18.69 -17.88 10.24
CA LEU D 102 18.75 -16.44 10.41
C LEU D 102 18.45 -15.72 9.08
N VAL D 103 19.34 -15.92 8.10
CA VAL D 103 19.23 -15.30 6.77
C VAL D 103 19.74 -16.27 5.69
N TRP D 104 18.94 -16.50 4.68
CA TRP D 104 19.33 -17.39 3.61
C TRP D 104 20.52 -16.94 2.77
N PHE D 105 20.42 -15.74 2.20
CA PHE D 105 21.45 -15.24 1.30
C PHE D 105 22.15 -13.98 1.74
N THR D 106 22.91 -14.07 2.83
CA THR D 106 23.65 -12.93 3.39
C THR D 106 24.78 -12.39 2.52
N PHE D 107 25.63 -13.29 2.02
CA PHE D 107 26.76 -12.90 1.18
C PHE D 107 26.79 -13.61 -0.17
N TRP D 108 26.68 -12.83 -1.24
CA TRP D 108 26.67 -13.33 -2.62
C TRP D 108 28.01 -13.21 -3.35
N GLY D 109 28.20 -14.08 -4.33
CA GLY D 109 29.39 -14.03 -5.14
C GLY D 109 28.98 -13.19 -6.35
N GLN D 110 29.95 -12.83 -7.19
CA GLN D 110 29.69 -12.04 -8.39
C GLN D 110 29.00 -12.92 -9.43
N GLY D 111 29.24 -14.23 -9.32
CA GLY D 111 28.64 -15.19 -10.22
C GLY D 111 29.47 -15.62 -11.40
N THR D 112 28.97 -16.63 -12.11
CA THR D 112 29.57 -17.19 -13.30
C THR D 112 28.41 -17.47 -14.26
N LEU D 113 28.57 -17.07 -15.52
CA LEU D 113 27.53 -17.25 -16.52
C LEU D 113 27.59 -18.60 -17.19
N VAL D 114 26.43 -19.26 -17.23
CA VAL D 114 26.24 -20.55 -17.87
C VAL D 114 25.25 -20.29 -18.99
N THR D 115 25.60 -20.72 -20.19
CA THR D 115 24.74 -20.54 -21.36
C THR D 115 24.50 -21.92 -22.00
N VAL D 116 23.23 -22.29 -22.14
CA VAL D 116 22.88 -23.56 -22.75
C VAL D 116 22.27 -23.28 -24.11
N SER D 117 22.91 -23.79 -25.15
CA SER D 117 22.44 -23.58 -26.51
C SER D 117 23.06 -24.56 -27.48
N ALA D 118 22.35 -24.81 -28.57
CA ALA D 118 22.80 -25.72 -29.60
C ALA D 118 23.42 -24.92 -30.74
N ALA D 119 23.27 -23.60 -30.65
CA ALA D 119 23.81 -22.71 -31.67
C ALA D 119 25.33 -22.85 -31.78
N LYS D 120 25.86 -22.48 -32.96
CA LYS D 120 27.30 -22.55 -33.25
C LYS D 120 27.86 -21.14 -33.50
N THR D 121 29.13 -20.94 -33.17
CA THR D 121 29.76 -19.64 -33.37
C THR D 121 29.39 -19.13 -34.76
N THR D 122 28.68 -18.01 -34.81
CA THR D 122 28.28 -17.41 -36.08
C THR D 122 28.57 -15.92 -36.07
N ALA D 123 29.39 -15.47 -37.02
CA ALA D 123 29.75 -14.06 -37.14
C ALA D 123 28.48 -13.27 -37.46
N PRO D 124 28.30 -12.10 -36.82
CA PRO D 124 27.11 -11.29 -37.07
C PRO D 124 26.96 -10.71 -38.47
N SER D 125 25.74 -10.31 -38.79
CA SER D 125 25.44 -9.68 -40.07
C SER D 125 25.21 -8.23 -39.72
N VAL D 126 26.11 -7.36 -40.17
CA VAL D 126 26.01 -5.93 -39.90
C VAL D 126 25.45 -5.18 -41.10
N TYR D 127 24.28 -4.57 -40.92
CA TYR D 127 23.60 -3.84 -41.99
C TYR D 127 23.41 -2.37 -41.66
N PRO D 128 23.74 -1.47 -42.61
CA PRO D 128 23.59 -0.02 -42.40
C PRO D 128 22.14 0.43 -42.59
N LEU D 129 21.57 1.12 -41.60
CA LEU D 129 20.19 1.60 -41.70
C LEU D 129 20.11 3.07 -42.15
N ALA D 130 19.83 3.29 -43.43
CA ALA D 130 19.72 4.65 -43.95
C ALA D 130 18.30 5.20 -43.83
N PRO D 131 18.16 6.45 -43.37
CA PRO D 131 16.84 7.07 -43.20
C PRO D 131 16.00 7.09 -44.49
N VAL D 132 14.68 7.18 -44.32
CA VAL D 132 13.78 7.25 -45.46
C VAL D 132 13.72 8.73 -45.84
N CYS D 133 13.44 9.01 -47.11
CA CYS D 133 13.37 10.39 -47.61
C CYS D 133 12.54 11.34 -46.72
N GLY D 134 11.63 10.78 -45.92
CA GLY D 134 10.78 11.60 -45.07
C GLY D 134 11.47 12.18 -43.85
N ASP D 135 11.88 11.32 -42.90
CA ASP D 135 12.55 11.73 -41.65
C ASP D 135 13.57 12.88 -41.80
N THR D 136 14.49 12.72 -42.74
CA THR D 136 15.56 13.68 -43.06
C THR D 136 15.15 15.15 -43.22
N THR D 137 13.85 15.41 -43.36
CA THR D 137 13.37 16.76 -43.56
C THR D 137 13.20 17.56 -42.24
N GLY D 138 14.29 17.72 -41.49
CA GLY D 138 14.22 18.45 -40.22
C GLY D 138 15.55 18.87 -39.65
N SER D 139 15.57 19.16 -38.35
CA SER D 139 16.78 19.61 -37.64
C SER D 139 17.82 18.54 -37.34
N SER D 140 17.37 17.35 -36.93
CA SER D 140 18.27 16.25 -36.62
C SER D 140 17.98 15.08 -37.52
N VAL D 141 18.87 14.09 -37.47
CA VAL D 141 18.73 12.89 -38.27
C VAL D 141 19.18 11.68 -37.43
N THR D 142 18.37 10.62 -37.43
CA THR D 142 18.74 9.41 -36.68
C THR D 142 19.11 8.32 -37.67
N LEU D 143 20.30 7.75 -37.48
CA LEU D 143 20.77 6.68 -38.34
C LEU D 143 20.66 5.38 -37.57
N GLY D 144 21.37 4.36 -38.03
CA GLY D 144 21.29 3.10 -37.32
C GLY D 144 22.18 2.02 -37.88
N CYS D 145 22.19 0.89 -37.18
CA CYS D 145 22.99 -0.24 -37.55
C CYS D 145 22.32 -1.52 -37.02
N LEU D 146 22.03 -2.45 -37.92
CA LEU D 146 21.42 -3.70 -37.52
C LEU D 146 22.45 -4.83 -37.48
N VAL D 147 22.72 -5.34 -36.28
CA VAL D 147 23.66 -6.45 -36.07
C VAL D 147 22.85 -7.73 -35.88
N LYS D 148 22.67 -8.48 -36.98
CA LYS D 148 21.86 -9.69 -36.98
C LYS D 148 22.54 -11.05 -36.83
N GLY D 149 21.74 -12.02 -36.36
CA GLY D 149 22.18 -13.39 -36.17
C GLY D 149 23.65 -13.70 -35.89
N TYR D 150 24.07 -13.47 -34.65
CA TYR D 150 25.45 -13.76 -34.27
C TYR D 150 25.45 -14.66 -33.04
N PHE D 151 26.55 -15.39 -32.87
CA PHE D 151 26.68 -16.26 -31.71
C PHE D 151 28.12 -16.68 -31.48
N PRO D 152 28.57 -16.66 -30.21
CA PRO D 152 27.78 -16.27 -29.04
C PRO D 152 27.73 -14.78 -28.87
N GLU D 153 27.51 -14.38 -27.62
CA GLU D 153 27.47 -12.98 -27.25
C GLU D 153 28.80 -12.82 -26.52
N PRO D 154 29.30 -11.58 -26.40
CA PRO D 154 28.67 -10.37 -26.92
C PRO D 154 29.41 -9.78 -28.09
N VAL D 155 28.84 -8.70 -28.64
CA VAL D 155 29.44 -7.96 -29.74
C VAL D 155 29.67 -6.54 -29.22
N THR D 156 30.60 -5.82 -29.83
CA THR D 156 30.94 -4.47 -29.41
C THR D 156 30.70 -3.48 -30.54
N LEU D 157 29.67 -2.66 -30.43
CA LEU D 157 29.37 -1.69 -31.46
C LEU D 157 29.75 -0.25 -31.13
N THR D 158 30.41 0.44 -32.07
CA THR D 158 30.78 1.85 -31.90
C THR D 158 30.46 2.67 -33.17
N TRP D 159 30.64 3.98 -33.07
CA TRP D 159 30.38 4.86 -34.21
C TRP D 159 31.61 5.71 -34.43
N ASN D 160 32.15 5.66 -35.64
CA ASN D 160 33.35 6.43 -35.96
C ASN D 160 34.45 6.10 -34.95
N SER D 161 34.51 4.82 -34.56
CA SER D 161 35.51 4.32 -33.61
C SER D 161 35.43 4.84 -32.17
N GLY D 162 34.24 5.27 -31.77
CA GLY D 162 34.06 5.79 -30.42
C GLY D 162 34.05 7.29 -30.41
N SER D 163 34.36 7.88 -31.57
CA SER D 163 34.39 9.34 -31.73
C SER D 163 32.99 9.89 -31.60
N LEU D 164 32.01 9.06 -31.93
CA LEU D 164 30.60 9.45 -31.85
C LEU D 164 30.00 8.73 -30.66
N SER D 165 29.93 9.45 -29.53
CA SER D 165 29.41 8.90 -28.29
C SER D 165 28.03 9.39 -27.84
N SER D 166 27.86 10.70 -27.69
CA SER D 166 26.58 11.25 -27.23
C SER D 166 25.43 10.95 -28.20
N GLY D 167 24.21 10.91 -27.67
CA GLY D 167 23.06 10.64 -28.51
C GLY D 167 23.05 9.28 -29.21
N VAL D 168 23.60 8.27 -28.55
CA VAL D 168 23.63 6.94 -29.12
C VAL D 168 22.75 6.02 -28.27
N HIS D 169 22.11 5.04 -28.92
CA HIS D 169 21.25 4.06 -28.26
C HIS D 169 21.49 2.68 -28.82
N THR D 170 22.24 1.87 -28.08
CA THR D 170 22.51 0.49 -28.49
C THR D 170 21.60 -0.37 -27.64
N PHE D 171 20.72 -1.13 -28.29
CA PHE D 171 19.75 -1.97 -27.59
C PHE D 171 20.20 -3.38 -27.20
N PRO D 172 19.74 -3.84 -26.04
CA PRO D 172 20.10 -5.19 -25.57
C PRO D 172 19.81 -6.23 -26.67
N ALA D 173 20.62 -7.28 -26.72
CA ALA D 173 20.44 -8.32 -27.73
C ALA D 173 19.27 -9.23 -27.33
N VAL D 174 18.67 -9.88 -28.33
CA VAL D 174 17.55 -10.80 -28.11
C VAL D 174 17.68 -11.98 -29.07
N LEU D 175 17.44 -13.19 -28.60
CA LEU D 175 17.51 -14.37 -29.45
C LEU D 175 16.35 -14.36 -30.42
N GLN D 176 16.65 -14.53 -31.70
CA GLN D 176 15.64 -14.55 -32.73
C GLN D 176 15.28 -16.00 -33.04
N SER D 177 16.28 -16.87 -33.02
CA SER D 177 16.09 -18.28 -33.29
C SER D 177 17.39 -18.99 -33.00
N ASP D 178 17.83 -18.87 -31.75
CA ASP D 178 19.09 -19.47 -31.29
C ASP D 178 20.26 -18.54 -31.61
N LEU D 179 19.97 -17.44 -32.30
CA LEU D 179 20.98 -16.45 -32.67
C LEU D 179 20.62 -15.08 -32.11
N TYR D 180 21.63 -14.27 -31.81
CA TYR D 180 21.42 -12.95 -31.24
C TYR D 180 21.35 -11.85 -32.28
N THR D 181 20.47 -10.87 -32.04
CA THR D 181 20.34 -9.75 -32.96
C THR D 181 20.36 -8.49 -32.12
N LEU D 182 21.01 -7.46 -32.63
CA LEU D 182 21.09 -6.21 -31.87
C LEU D 182 21.04 -5.00 -32.82
N SER D 183 20.60 -3.86 -32.30
CA SER D 183 20.55 -2.68 -33.13
C SER D 183 20.91 -1.44 -32.27
N SER D 184 21.55 -0.47 -32.91
CA SER D 184 21.97 0.76 -32.26
C SER D 184 21.58 1.94 -33.15
N SER D 185 21.05 3.01 -32.54
CA SER D 185 20.70 4.20 -33.31
C SER D 185 21.64 5.34 -32.87
N VAL D 186 21.89 6.27 -33.78
CA VAL D 186 22.74 7.41 -33.44
C VAL D 186 22.12 8.64 -34.07
N THR D 187 21.83 9.63 -33.22
CA THR D 187 21.21 10.86 -33.65
C THR D 187 22.27 11.98 -33.68
N VAL D 188 22.21 12.78 -34.75
CA VAL D 188 23.15 13.87 -34.95
C VAL D 188 22.49 15.03 -35.68
N THR D 189 23.17 16.17 -35.75
CA THR D 189 22.63 17.35 -36.43
C THR D 189 22.43 17.08 -37.94
N SER D 190 21.52 17.82 -38.56
CA SER D 190 21.26 17.63 -39.99
C SER D 190 22.48 17.98 -40.86
N SER D 191 23.26 18.96 -40.43
CA SER D 191 24.44 19.41 -41.16
C SER D 191 25.64 18.48 -40.96
N THR D 192 25.38 17.38 -40.27
CA THR D 192 26.41 16.39 -39.97
C THR D 192 26.39 15.35 -41.08
N TRP D 193 25.22 14.78 -41.31
CA TRP D 193 25.04 13.76 -42.31
C TRP D 193 23.89 14.18 -43.22
N PRO D 194 23.92 13.76 -44.50
CA PRO D 194 24.96 12.94 -45.13
C PRO D 194 26.17 13.68 -45.67
N SER D 195 26.33 14.94 -45.27
CA SER D 195 27.47 15.75 -45.72
C SER D 195 28.80 15.19 -45.18
N GLN D 196 28.73 14.43 -44.09
CA GLN D 196 29.93 13.85 -43.49
C GLN D 196 29.81 12.34 -43.24
N SER D 197 30.97 11.70 -43.16
CA SER D 197 31.04 10.27 -42.96
C SER D 197 30.68 9.82 -41.55
N ILE D 198 29.76 8.86 -41.46
CA ILE D 198 29.33 8.28 -40.19
C ILE D 198 29.39 6.78 -40.38
N THR D 199 30.13 6.11 -39.51
CA THR D 199 30.30 4.67 -39.63
C THR D 199 29.99 3.91 -38.36
N CYS D 200 29.51 2.69 -38.56
CA CYS D 200 29.16 1.79 -37.48
C CYS D 200 30.25 0.71 -37.40
N ASN D 201 31.01 0.68 -36.30
CA ASN D 201 32.09 -0.27 -36.11
C ASN D 201 31.64 -1.42 -35.23
N VAL D 202 31.41 -2.59 -35.81
CA VAL D 202 30.97 -3.76 -35.05
C VAL D 202 32.00 -4.89 -35.02
N ALA D 203 32.30 -5.37 -33.82
CA ALA D 203 33.25 -6.46 -33.64
C ALA D 203 32.60 -7.60 -32.89
N HIS D 204 32.96 -8.81 -33.28
CA HIS D 204 32.44 -10.02 -32.65
C HIS D 204 33.68 -10.82 -32.33
N PRO D 205 34.33 -10.54 -31.19
CA PRO D 205 35.54 -11.26 -30.79
C PRO D 205 35.51 -12.78 -31.00
N ALA D 206 34.45 -13.43 -30.53
CA ALA D 206 34.33 -14.88 -30.65
C ALA D 206 34.69 -15.39 -32.03
N SER D 207 34.28 -14.67 -33.08
CA SER D 207 34.57 -15.10 -34.45
C SER D 207 35.68 -14.30 -35.10
N SER D 208 36.41 -13.54 -34.29
CA SER D 208 37.48 -12.72 -34.82
C SER D 208 36.88 -11.87 -35.93
N THR D 209 35.79 -11.18 -35.61
CA THR D 209 35.08 -10.33 -36.56
C THR D 209 35.17 -8.86 -36.20
N GLN D 210 35.66 -8.06 -37.13
CA GLN D 210 35.78 -6.62 -36.93
C GLN D 210 35.35 -5.94 -38.23
N VAL D 211 34.06 -5.70 -38.34
CA VAL D 211 33.51 -5.06 -39.53
C VAL D 211 33.12 -3.61 -39.24
N ASP D 212 33.01 -2.82 -40.30
CA ASP D 212 32.62 -1.43 -40.21
C ASP D 212 31.65 -1.21 -41.37
N LYS D 213 30.61 -0.41 -41.14
CA LYS D 213 29.60 -0.15 -42.16
C LYS D 213 29.26 1.32 -42.20
N LYS D 214 29.57 1.98 -43.31
CA LYS D 214 29.27 3.40 -43.44
C LYS D 214 27.82 3.58 -43.89
N ILE D 215 27.09 4.45 -43.19
CA ILE D 215 25.69 4.71 -43.52
C ILE D 215 25.63 5.71 -44.68
N GLU D 216 25.06 5.27 -45.80
CA GLU D 216 24.92 6.09 -47.01
C GLU D 216 23.45 6.37 -47.39
N PRO D 217 23.18 7.49 -48.08
CA PRO D 217 21.82 7.89 -48.50
C PRO D 217 21.02 6.82 -49.24
N ARG D 218 19.83 6.52 -48.72
CA ARG D 218 18.94 5.53 -49.32
C ARG D 218 18.35 6.04 -50.61
N GLY D 219 18.36 5.21 -51.66
CA GLY D 219 17.77 5.65 -52.91
C GLY D 219 18.46 5.37 -54.24
N PRO D 220 17.86 5.83 -55.35
CA PRO D 220 18.44 5.59 -56.67
C PRO D 220 19.75 6.33 -56.88
O1 AN1 E . -8.90 16.83 -11.11
C1 AN1 E . -9.53 16.98 -10.08
O2 AN1 E . -9.24 18.10 -9.39
C2 AN1 E . -10.60 16.13 -9.46
C3 AN1 E . -10.94 14.87 -10.28
C4 AN1 E . -12.00 13.95 -9.66
C5 AN1 E . -11.64 12.59 -9.41
C6 AN1 E . -10.31 12.09 -9.72
C7 AN1 E . -9.94 10.79 -9.47
C8 AN1 E . -10.88 9.87 -8.89
C9 AN1 E . -12.16 10.28 -8.58
C10 AN1 E . -12.60 11.65 -8.81
C11 AN1 E . -13.92 12.07 -8.47
C12 AN1 E . -14.30 13.44 -8.70
C13 AN1 E . -13.35 14.39 -9.29
C14 AN1 E . -13.81 15.78 -9.47
C15 AN1 E . -15.07 16.18 -9.10
C16 AN1 E . -15.98 15.25 -8.52
C17 AN1 E . -15.62 13.94 -8.33
C18 AN1 E . -14.89 11.10 -7.86
O1 AN1 F . 15.46 -26.38 8.21
C1 AN1 F . 15.55 -26.14 7.01
O2 AN1 F . 14.72 -26.86 6.23
C2 AN1 F . 16.43 -25.16 6.28
C3 AN1 F . 17.32 -24.43 7.26
C4 AN1 F . 18.27 -23.40 6.66
C5 AN1 F . 19.41 -23.81 5.88
C6 AN1 F . 19.70 -25.21 5.58
C7 AN1 F . 20.77 -25.57 4.82
C8 AN1 F . 21.67 -24.59 4.28
C9 AN1 F . 21.46 -23.25 4.52
C10 AN1 F . 20.33 -22.79 5.32
C11 AN1 F . 20.11 -21.38 5.55
C12 AN1 F . 18.96 -20.98 6.33
C13 AN1 F . 18.03 -21.99 6.88
C14 AN1 F . 16.86 -21.51 7.65
C15 AN1 F . 16.64 -20.17 7.84
C16 AN1 F . 17.54 -19.17 7.31
C17 AN1 F . 18.66 -19.56 6.58
C18 AN1 F . 21.07 -20.37 4.98
#